data_2SOB
#
_entry.id   2SOB
#
_cell.length_a   1.000
_cell.length_b   1.000
_cell.length_c   1.000
_cell.angle_alpha   90.00
_cell.angle_beta   90.00
_cell.angle_gamma   90.00
#
_symmetry.space_group_name_H-M   'P 1'
#
_entity_poly.entity_id   1
_entity_poly.type   'polypeptide(L)'
_entity_poly.pdbx_seq_one_letter_code
;ATSTKKLHKEPATLIKAIDGDTVKLMYKGQPMTFRLLLVDTPETKHPKKGVEKYGPEASAFTKKMLENAKKIEVEFDKGQ
RTDKYGRVLAYIYADGKMVNEAL
;
_entity_poly.pdbx_strand_id   A
#
# COMPACT_ATOMS: atom_id res chain seq x y z
N ALA A 1 9.92 -5.76 22.00
CA ALA A 1 8.77 -5.79 21.05
C ALA A 1 7.46 -5.68 21.83
N THR A 2 6.60 -4.76 21.45
CA THR A 2 5.29 -4.59 22.16
C THR A 2 4.14 -4.78 21.16
N SER A 3 3.01 -5.23 21.62
CA SER A 3 1.84 -5.43 20.72
C SER A 3 1.22 -4.06 20.38
N THR A 4 1.60 -3.50 19.26
CA THR A 4 1.05 -2.16 18.86
C THR A 4 0.56 -2.23 17.39
N LYS A 5 0.12 -3.38 16.94
CA LYS A 5 -0.37 -3.52 15.54
C LYS A 5 -1.90 -3.54 15.51
N LYS A 6 -2.50 -2.82 14.58
CA LYS A 6 -3.99 -2.78 14.46
C LYS A 6 -4.39 -1.98 13.22
N LEU A 7 -3.66 -0.90 12.94
CA LEU A 7 -3.95 -0.05 11.75
C LEU A 7 -5.20 0.82 12.00
N HIS A 8 -5.07 2.12 11.84
CA HIS A 8 -6.22 3.05 12.07
C HIS A 8 -7.12 3.08 10.82
N LYS A 9 -7.52 4.24 10.34
CA LYS A 9 -8.40 4.29 9.12
C LYS A 9 -8.65 5.75 8.73
N GLU A 10 -8.51 6.09 7.46
CA GLU A 10 -8.72 7.49 7.00
C GLU A 10 -8.91 7.48 5.48
N PRO A 11 -9.90 8.18 5.00
CA PRO A 11 -10.16 8.24 3.55
C PRO A 11 -8.95 8.76 2.79
N ALA A 12 -8.86 8.43 1.52
CA ALA A 12 -7.70 8.87 0.69
C ALA A 12 -8.19 9.21 -0.74
N THR A 13 -7.32 9.15 -1.71
CA THR A 13 -7.73 9.46 -3.12
C THR A 13 -6.83 8.66 -4.06
N LEU A 14 -7.41 7.81 -4.88
CA LEU A 14 -6.59 6.98 -5.80
C LEU A 14 -5.67 7.83 -6.70
N ILE A 15 -4.39 7.64 -6.56
CA ILE A 15 -3.43 8.41 -7.40
C ILE A 15 -2.83 7.44 -8.45
N LYS A 16 -2.21 6.38 -7.99
CA LYS A 16 -1.62 5.38 -8.94
C LYS A 16 -1.06 4.17 -8.17
N ALA A 17 -1.71 3.04 -8.27
CA ALA A 17 -1.22 1.82 -7.57
C ALA A 17 0.08 1.34 -8.24
N ILE A 18 1.17 1.46 -7.53
CA ILE A 18 2.49 1.05 -8.08
C ILE A 18 2.58 -0.47 -8.15
N ASP A 19 2.42 -1.16 -7.04
CA ASP A 19 2.50 -2.65 -7.03
C ASP A 19 1.52 -3.19 -5.96
N GLY A 20 1.74 -4.41 -5.51
CA GLY A 20 0.83 -5.00 -4.47
C GLY A 20 0.79 -4.10 -3.23
N ASP A 21 1.75 -4.24 -2.34
CA ASP A 21 1.76 -3.38 -1.11
C ASP A 21 2.03 -1.93 -1.49
N THR A 22 2.75 -1.68 -2.57
CA THR A 22 3.06 -0.27 -2.97
C THR A 22 1.84 0.37 -3.62
N VAL A 23 1.38 1.48 -3.08
CA VAL A 23 0.17 2.16 -3.66
C VAL A 23 0.28 3.69 -3.46
N LYS A 24 -0.06 4.45 -4.48
CA LYS A 24 0.01 5.94 -4.37
C LYS A 24 -1.39 6.52 -4.10
N LEU A 25 -1.54 7.23 -3.01
CA LEU A 25 -2.86 7.85 -2.66
C LEU A 25 -2.64 8.98 -1.63
N MET A 26 -3.59 9.87 -1.49
CA MET A 26 -3.45 10.98 -0.50
C MET A 26 -4.32 10.67 0.72
N TYR A 27 -3.73 10.21 1.78
CA TYR A 27 -4.53 9.89 3.02
C TYR A 27 -4.86 11.20 3.75
N LYS A 28 -3.98 12.17 3.71
CA LYS A 28 -4.24 13.47 4.39
C LYS A 28 -3.98 14.61 3.41
N GLY A 29 -4.45 14.47 2.18
CA GLY A 29 -4.22 15.52 1.15
C GLY A 29 -2.75 15.54 0.72
N GLN A 30 -2.01 14.50 1.03
CA GLN A 30 -0.57 14.46 0.63
C GLN A 30 -0.30 13.22 -0.24
N PRO A 31 -0.02 13.47 -1.51
CA PRO A 31 0.28 12.39 -2.48
C PRO A 31 1.57 11.65 -2.07
N MET A 32 1.45 10.42 -1.64
CA MET A 32 2.64 9.64 -1.21
C MET A 32 2.50 8.18 -1.66
N THR A 33 3.25 7.28 -1.06
CA THR A 33 3.17 5.83 -1.43
C THR A 33 3.25 5.02 -0.13
N PHE A 34 2.44 3.99 -0.02
CA PHE A 34 2.44 3.19 1.23
C PHE A 34 2.77 1.73 0.91
N ARG A 35 3.74 1.14 1.57
CA ARG A 35 4.10 -0.29 1.29
C ARG A 35 3.85 -1.17 2.52
N LEU A 36 4.14 -0.68 3.71
CA LEU A 36 3.95 -1.50 4.96
C LEU A 36 4.94 -2.67 4.93
N LEU A 37 4.61 -3.73 4.24
CA LEU A 37 5.53 -4.89 4.13
C LEU A 37 6.32 -4.76 2.82
N LEU A 38 5.83 -3.94 1.90
CA LEU A 38 6.51 -3.72 0.59
C LEU A 38 6.37 -4.97 -0.28
N VAL A 39 5.87 -4.78 -1.49
CA VAL A 39 5.68 -5.90 -2.44
C VAL A 39 7.05 -6.53 -2.81
N ASP A 40 7.15 -7.17 -3.94
CA ASP A 40 8.44 -7.81 -4.34
C ASP A 40 8.54 -7.87 -5.88
N THR A 41 8.38 -6.75 -6.54
CA THR A 41 8.46 -6.72 -8.03
C THR A 41 9.94 -6.73 -8.47
N PRO A 42 10.71 -5.77 -7.98
CA PRO A 42 12.16 -5.67 -8.33
C PRO A 42 12.90 -6.90 -7.80
N GLU A 43 13.41 -7.73 -8.68
CA GLU A 43 14.15 -8.95 -8.23
C GLU A 43 15.49 -9.05 -8.96
N THR A 44 16.51 -8.42 -8.41
CA THR A 44 17.88 -8.45 -9.02
C THR A 44 17.88 -7.74 -10.39
N LYS A 45 18.54 -6.61 -10.48
CA LYS A 45 18.58 -5.87 -11.77
C LYS A 45 19.64 -6.52 -12.68
N HIS A 46 19.22 -7.05 -13.81
CA HIS A 46 20.18 -7.72 -14.74
C HIS A 46 20.73 -6.68 -15.75
N PRO A 47 21.95 -6.93 -16.20
CA PRO A 47 22.62 -6.04 -17.17
C PRO A 47 21.82 -5.96 -18.48
N LYS A 48 21.36 -7.11 -18.97
CA LYS A 48 20.57 -7.11 -20.24
C LYS A 48 19.18 -6.47 -20.01
N LYS A 49 18.58 -5.94 -21.04
CA LYS A 49 17.24 -5.31 -20.89
C LYS A 49 16.17 -6.39 -20.67
N GLY A 50 15.33 -6.21 -19.67
CA GLY A 50 14.27 -7.23 -19.38
C GLY A 50 12.92 -6.74 -19.94
N VAL A 51 11.99 -6.43 -19.08
CA VAL A 51 10.66 -5.94 -19.54
C VAL A 51 9.95 -5.19 -18.40
N GLU A 52 9.32 -4.08 -18.71
CA GLU A 52 8.62 -3.29 -17.66
C GLU A 52 7.21 -3.85 -17.45
N LYS A 53 6.86 -4.15 -16.22
CA LYS A 53 5.51 -4.71 -15.92
C LYS A 53 4.77 -3.77 -14.96
N TYR A 54 3.48 -3.58 -15.16
CA TYR A 54 2.69 -2.68 -14.26
C TYR A 54 2.48 -3.36 -12.90
N GLY A 55 2.27 -4.65 -12.88
CA GLY A 55 2.06 -5.37 -11.59
C GLY A 55 2.20 -6.88 -11.80
N PRO A 56 2.63 -7.57 -10.77
CA PRO A 56 2.83 -9.04 -10.80
C PRO A 56 1.50 -9.79 -11.03
N GLU A 57 1.45 -11.04 -10.65
CA GLU A 57 0.19 -11.85 -10.85
C GLU A 57 -0.87 -11.51 -9.79
N ALA A 58 -0.77 -12.06 -8.59
CA ALA A 58 -1.79 -11.76 -7.53
C ALA A 58 -1.74 -10.28 -7.16
N SER A 59 -0.55 -9.70 -7.15
CA SER A 59 -0.42 -8.25 -6.80
C SER A 59 -1.13 -7.40 -7.86
N ALA A 60 -1.24 -7.89 -9.08
CA ALA A 60 -1.94 -7.11 -10.15
C ALA A 60 -3.39 -6.88 -9.73
N PHE A 61 -4.03 -7.89 -9.17
CA PHE A 61 -5.45 -7.74 -8.71
C PHE A 61 -5.47 -6.79 -7.50
N THR A 62 -4.45 -6.84 -6.69
CA THR A 62 -4.37 -5.93 -5.49
C THR A 62 -4.28 -4.49 -6.01
N LYS A 63 -3.71 -4.30 -7.18
CA LYS A 63 -3.58 -2.94 -7.78
C LYS A 63 -4.99 -2.39 -8.08
N LYS A 64 -5.94 -3.26 -8.32
CA LYS A 64 -7.32 -2.80 -8.64
C LYS A 64 -8.00 -2.27 -7.37
N MET A 65 -7.72 -2.83 -6.23
CA MET A 65 -8.35 -2.32 -4.97
C MET A 65 -7.63 -1.02 -4.59
N LEU A 66 -7.64 -0.06 -5.50
CA LEU A 66 -6.95 1.23 -5.28
C LEU A 66 -7.09 2.14 -6.53
N GLU A 67 -7.20 1.55 -7.72
CA GLU A 67 -7.32 2.39 -8.95
C GLU A 67 -8.76 2.88 -9.11
N ASN A 68 -9.72 2.16 -8.56
CA ASN A 68 -11.14 2.56 -8.70
C ASN A 68 -11.82 2.62 -7.31
N ALA A 69 -11.07 2.58 -6.24
CA ALA A 69 -11.67 2.65 -4.88
C ALA A 69 -11.99 4.11 -4.54
N LYS A 70 -13.25 4.41 -4.30
CA LYS A 70 -13.65 5.81 -3.95
C LYS A 70 -13.53 5.98 -2.44
N LYS A 71 -14.22 5.15 -1.69
CA LYS A 71 -14.14 5.22 -0.21
C LYS A 71 -12.87 4.51 0.23
N ILE A 72 -11.98 5.17 0.93
CA ILE A 72 -10.73 4.51 1.35
C ILE A 72 -10.59 4.69 2.86
N GLU A 73 -9.77 3.90 3.47
CA GLU A 73 -9.56 4.04 4.92
C GLU A 73 -8.11 3.65 5.21
N VAL A 74 -7.17 4.35 4.61
CA VAL A 74 -5.72 4.05 4.81
C VAL A 74 -5.48 3.74 6.29
N GLU A 75 -5.29 2.49 6.61
CA GLU A 75 -5.10 2.10 8.04
C GLU A 75 -3.60 2.08 8.37
N PHE A 76 -3.15 3.05 9.13
CA PHE A 76 -1.71 3.11 9.52
C PHE A 76 -1.61 2.61 10.97
N ASP A 77 -1.02 1.45 11.17
CA ASP A 77 -0.89 0.88 12.55
C ASP A 77 -0.21 1.87 13.50
N LYS A 78 -0.50 1.76 14.78
CA LYS A 78 0.13 2.67 15.80
C LYS A 78 1.65 2.67 15.58
N GLY A 79 2.22 3.82 15.38
CA GLY A 79 3.69 3.89 15.11
C GLY A 79 3.89 3.39 13.67
N GLN A 80 3.83 4.29 12.71
CA GLN A 80 3.96 3.89 11.28
C GLN A 80 5.21 3.03 11.07
N ARG A 81 5.20 2.22 10.04
CA ARG A 81 6.37 1.32 9.77
C ARG A 81 7.54 2.12 9.14
N THR A 82 8.10 3.05 9.87
CA THR A 82 9.24 3.84 9.34
C THR A 82 10.52 3.00 9.43
N ASP A 83 11.61 3.56 8.98
CA ASP A 83 12.91 2.82 9.02
C ASP A 83 14.07 3.81 8.74
N LYS A 84 14.51 3.92 7.51
CA LYS A 84 15.63 4.85 7.19
C LYS A 84 15.06 6.11 6.52
N TYR A 85 14.36 5.94 5.42
CA TYR A 85 13.76 7.10 4.72
C TYR A 85 12.46 7.49 5.45
N GLY A 86 11.84 6.57 6.14
CA GLY A 86 10.58 6.88 6.88
C GLY A 86 9.43 7.07 5.88
N ARG A 87 9.27 6.15 4.94
CA ARG A 87 8.14 6.28 3.96
C ARG A 87 6.82 6.04 4.69
N VAL A 88 5.71 6.18 4.02
CA VAL A 88 4.39 5.96 4.70
C VAL A 88 4.08 4.47 4.64
N LEU A 89 4.82 3.69 5.38
CA LEU A 89 4.61 2.20 5.35
C LEU A 89 3.28 1.83 6.00
N ALA A 90 2.29 1.57 5.18
CA ALA A 90 0.96 1.19 5.71
C ALA A 90 0.14 0.51 4.60
N TYR A 91 -1.10 0.18 4.89
CA TYR A 91 -1.97 -0.48 3.86
C TYR A 91 -3.21 0.38 3.59
N ILE A 92 -3.77 0.22 2.41
CA ILE A 92 -4.98 1.00 2.03
C ILE A 92 -6.20 0.10 2.18
N TYR A 93 -7.26 0.63 2.72
CA TYR A 93 -8.48 -0.20 2.94
C TYR A 93 -9.67 0.44 2.23
N ALA A 94 -9.71 0.33 0.91
CA ALA A 94 -10.80 0.92 0.14
C ALA A 94 -11.43 -0.13 -0.78
N ASP A 95 -12.73 -0.09 -0.90
CA ASP A 95 -13.46 -1.06 -1.79
C ASP A 95 -12.98 -2.49 -1.51
N GLY A 96 -13.51 -3.11 -0.49
CA GLY A 96 -13.09 -4.50 -0.12
C GLY A 96 -12.40 -4.48 1.23
N LYS A 97 -11.64 -3.44 1.52
CA LYS A 97 -10.93 -3.31 2.83
C LYS A 97 -9.76 -4.31 2.91
N MET A 98 -8.58 -3.83 3.21
CA MET A 98 -7.36 -4.70 3.31
C MET A 98 -6.89 -5.13 1.92
N VAL A 99 -7.51 -4.63 0.87
CA VAL A 99 -7.09 -4.97 -0.53
C VAL A 99 -7.18 -6.50 -0.81
N ASN A 100 -7.67 -7.28 0.13
CA ASN A 100 -7.79 -8.77 -0.11
C ASN A 100 -9.08 -9.09 -0.88
N GLU A 101 -9.28 -8.46 -2.02
CA GLU A 101 -10.52 -8.74 -2.83
C GLU A 101 -10.43 -10.12 -3.47
N ALA A 102 -9.24 -10.56 -3.85
CA ALA A 102 -9.09 -11.91 -4.48
C ALA A 102 -9.46 -12.99 -3.46
N LEU A 103 -10.53 -13.71 -3.71
CA LEU A 103 -10.97 -14.79 -2.76
C LEU A 103 -10.99 -16.14 -3.49
N ALA A 1 -8.37 5.68 22.60
CA ALA A 1 -8.89 4.59 23.48
C ALA A 1 -9.03 3.30 22.65
N THR A 2 -8.08 2.40 22.80
CA THR A 2 -8.12 1.10 22.04
C THR A 2 -8.17 1.38 20.53
N SER A 3 -7.51 2.42 20.09
CA SER A 3 -7.51 2.75 18.62
C SER A 3 -6.31 3.67 18.30
N THR A 4 -5.20 3.47 18.96
CA THR A 4 -3.99 4.32 18.69
C THR A 4 -2.71 3.49 18.86
N LYS A 5 -1.69 3.79 18.08
CA LYS A 5 -0.38 3.05 18.18
C LYS A 5 -0.49 1.65 17.54
N LYS A 6 -1.33 1.50 16.53
CA LYS A 6 -1.46 0.17 15.84
C LYS A 6 -1.93 0.39 14.40
N LEU A 7 -3.23 0.55 14.20
CA LEU A 7 -3.76 0.77 12.82
C LEU A 7 -5.03 1.64 12.89
N HIS A 8 -5.34 2.33 11.82
CA HIS A 8 -6.56 3.20 11.82
C HIS A 8 -6.98 3.48 10.38
N LYS A 9 -8.23 3.27 10.09
CA LYS A 9 -8.76 3.51 8.71
C LYS A 9 -8.85 5.02 8.44
N GLU A 10 -8.63 5.42 7.21
CA GLU A 10 -8.70 6.88 6.86
C GLU A 10 -8.88 6.98 5.34
N PRO A 11 -10.03 7.47 4.93
CA PRO A 11 -10.36 7.58 3.50
C PRO A 11 -9.23 8.27 2.71
N ALA A 12 -8.81 7.61 1.68
CA ALA A 12 -7.72 8.12 0.80
C ALA A 12 -8.33 8.51 -0.56
N THR A 13 -7.55 8.46 -1.61
CA THR A 13 -8.09 8.83 -2.96
C THR A 13 -7.20 8.25 -4.06
N LEU A 14 -7.81 7.64 -5.06
CA LEU A 14 -7.04 7.05 -6.20
C LEU A 14 -6.22 8.14 -6.88
N ILE A 15 -4.91 8.08 -6.76
CA ILE A 15 -4.05 9.11 -7.43
C ILE A 15 -3.22 8.43 -8.53
N LYS A 16 -2.71 7.25 -8.26
CA LYS A 16 -1.90 6.50 -9.28
C LYS A 16 -1.37 5.19 -8.67
N ALA A 17 -0.98 4.26 -9.52
CA ALA A 17 -0.42 2.97 -9.03
C ALA A 17 1.00 2.82 -9.56
N ILE A 18 1.96 3.06 -8.72
CA ILE A 18 3.39 2.97 -9.12
C ILE A 18 3.68 1.58 -9.74
N ASP A 19 2.97 0.56 -9.29
CA ASP A 19 3.17 -0.83 -9.84
C ASP A 19 4.44 -1.44 -9.25
N GLY A 20 4.43 -2.73 -9.00
CA GLY A 20 5.62 -3.41 -8.42
C GLY A 20 5.43 -3.57 -6.92
N ASP A 21 5.99 -2.68 -6.13
CA ASP A 21 5.85 -2.76 -4.65
C ASP A 21 5.54 -1.38 -4.09
N THR A 22 4.61 -0.66 -4.68
CA THR A 22 4.27 0.70 -4.16
C THR A 22 2.91 1.19 -4.67
N VAL A 23 2.16 1.85 -3.83
CA VAL A 23 0.82 2.41 -4.23
C VAL A 23 0.69 3.80 -3.60
N LYS A 24 0.09 4.76 -4.29
CA LYS A 24 -0.02 6.12 -3.70
C LYS A 24 -1.48 6.52 -3.49
N LEU A 25 -1.73 7.22 -2.41
CA LEU A 25 -3.10 7.70 -2.09
C LEU A 25 -3.00 9.02 -1.33
N MET A 26 -3.78 10.00 -1.70
CA MET A 26 -3.73 11.30 -0.98
C MET A 26 -4.62 11.22 0.27
N TYR A 27 -4.13 10.56 1.30
CA TYR A 27 -4.93 10.42 2.55
C TYR A 27 -4.84 11.74 3.35
N LYS A 28 -3.70 12.39 3.35
CA LYS A 28 -3.55 13.68 4.07
C LYS A 28 -3.39 14.82 3.07
N GLY A 29 -4.06 14.72 1.94
CA GLY A 29 -3.96 15.77 0.90
C GLY A 29 -2.57 15.73 0.24
N GLN A 30 -1.84 14.64 0.43
CA GLN A 30 -0.48 14.52 -0.18
C GLN A 30 -0.27 13.08 -0.70
N PRO A 31 0.19 12.97 -1.93
CA PRO A 31 0.44 11.67 -2.56
C PRO A 31 1.53 10.90 -1.80
N MET A 32 1.17 9.81 -1.18
CA MET A 32 2.18 9.02 -0.41
C MET A 32 2.46 7.69 -1.12
N THR A 33 3.11 6.77 -0.45
CA THR A 33 3.42 5.43 -1.06
C THR A 33 3.34 4.38 0.06
N PHE A 34 2.26 3.63 0.09
CA PHE A 34 2.07 2.61 1.18
C PHE A 34 2.42 1.20 0.68
N ARG A 35 3.64 0.76 0.88
CA ARG A 35 4.01 -0.61 0.45
C ARG A 35 5.30 -1.08 1.13
N LEU A 36 5.25 -2.25 1.70
CA LEU A 36 6.43 -2.87 2.40
C LEU A 36 5.89 -3.95 3.33
N LEU A 37 4.98 -3.58 4.21
CA LEU A 37 4.36 -4.57 5.13
C LEU A 37 3.30 -5.33 4.35
N LEU A 38 2.61 -4.64 3.46
CA LEU A 38 1.58 -5.30 2.60
C LEU A 38 2.30 -6.10 1.51
N VAL A 39 2.91 -5.41 0.56
CA VAL A 39 3.66 -6.11 -0.52
C VAL A 39 5.06 -6.47 0.01
N ASP A 40 5.25 -7.70 0.40
CA ASP A 40 6.59 -8.14 0.93
C ASP A 40 7.38 -8.85 -0.17
N THR A 41 7.24 -8.39 -1.39
CA THR A 41 7.96 -9.02 -2.54
C THR A 41 9.44 -8.54 -2.59
N PRO A 42 9.66 -7.24 -2.40
CA PRO A 42 11.04 -6.67 -2.45
C PRO A 42 11.88 -7.20 -1.29
N GLU A 43 12.79 -8.11 -1.57
CA GLU A 43 13.68 -8.67 -0.49
C GLU A 43 14.84 -9.47 -1.13
N THR A 44 15.29 -9.06 -2.29
CA THR A 44 16.42 -9.77 -2.97
C THR A 44 17.17 -8.77 -3.87
N LYS A 45 17.66 -7.70 -3.29
CA LYS A 45 18.40 -6.66 -4.08
C LYS A 45 19.91 -6.90 -4.00
N HIS A 46 20.38 -7.56 -2.95
CA HIS A 46 21.85 -7.82 -2.82
C HIS A 46 22.27 -9.01 -3.72
N PRO A 47 21.59 -10.14 -3.57
CA PRO A 47 21.89 -11.35 -4.37
C PRO A 47 21.41 -11.20 -5.83
N LYS A 48 21.55 -10.04 -6.43
CA LYS A 48 21.10 -9.83 -7.85
C LYS A 48 19.60 -10.14 -7.99
N LYS A 49 19.10 -10.20 -9.19
CA LYS A 49 17.65 -10.52 -9.41
C LYS A 49 17.43 -12.03 -9.29
N GLY A 50 16.81 -12.47 -8.23
CA GLY A 50 16.57 -13.93 -8.03
C GLY A 50 15.14 -14.16 -7.53
N VAL A 51 14.16 -13.57 -8.19
CA VAL A 51 12.74 -13.74 -7.77
C VAL A 51 11.84 -13.75 -9.02
N GLU A 52 11.00 -14.75 -9.15
CA GLU A 52 10.10 -14.83 -10.32
C GLU A 52 8.75 -14.19 -9.98
N LYS A 53 8.67 -12.88 -10.02
CA LYS A 53 7.39 -12.19 -9.70
C LYS A 53 7.42 -10.77 -10.27
N TYR A 54 6.61 -10.52 -11.29
CA TYR A 54 6.57 -9.17 -11.91
C TYR A 54 5.28 -8.45 -11.48
N GLY A 55 4.16 -9.12 -11.57
CA GLY A 55 2.87 -8.50 -11.17
C GLY A 55 1.73 -9.11 -12.01
N PRO A 56 1.33 -10.31 -11.65
CA PRO A 56 0.25 -11.04 -12.36
C PRO A 56 -1.11 -10.38 -12.07
N GLU A 57 -2.18 -11.07 -12.35
CA GLU A 57 -3.53 -10.50 -12.08
C GLU A 57 -3.87 -10.66 -10.60
N ALA A 58 -3.56 -11.81 -10.03
CA ALA A 58 -3.84 -12.05 -8.57
C ALA A 58 -3.16 -10.96 -7.74
N SER A 59 -1.91 -10.67 -8.02
CA SER A 59 -1.19 -9.61 -7.27
C SER A 59 -1.70 -8.22 -7.69
N ALA A 60 -2.10 -8.08 -8.94
CA ALA A 60 -2.63 -6.76 -9.42
C ALA A 60 -3.91 -6.41 -8.66
N PHE A 61 -4.72 -7.40 -8.34
CA PHE A 61 -5.99 -7.14 -7.60
C PHE A 61 -5.67 -6.45 -6.26
N THR A 62 -4.71 -6.95 -5.54
CA THR A 62 -4.34 -6.34 -4.21
C THR A 62 -3.80 -4.91 -4.42
N LYS A 63 -3.04 -4.68 -5.48
CA LYS A 63 -2.49 -3.31 -5.72
C LYS A 63 -3.59 -2.38 -6.26
N LYS A 64 -4.60 -2.94 -6.90
CA LYS A 64 -5.71 -2.11 -7.45
C LYS A 64 -6.72 -1.78 -6.33
N MET A 65 -6.36 -2.03 -5.08
CA MET A 65 -7.28 -1.73 -3.94
C MET A 65 -7.74 -0.26 -3.97
N LEU A 66 -6.97 0.59 -4.60
CA LEU A 66 -7.33 2.04 -4.68
C LEU A 66 -7.44 2.48 -6.15
N GLU A 67 -7.07 1.63 -7.09
CA GLU A 67 -7.16 2.02 -8.54
C GLU A 67 -8.58 1.86 -9.08
N ASN A 68 -9.58 1.83 -8.22
CA ASN A 68 -10.99 1.68 -8.69
C ASN A 68 -12.00 2.28 -7.69
N ALA A 69 -11.70 2.21 -6.41
CA ALA A 69 -12.65 2.75 -5.37
C ALA A 69 -12.52 4.26 -5.22
N LYS A 70 -13.29 4.82 -4.31
CA LYS A 70 -13.25 6.28 -4.06
C LYS A 70 -12.93 6.50 -2.58
N LYS A 71 -13.50 5.69 -1.73
CA LYS A 71 -13.23 5.80 -0.26
C LYS A 71 -12.18 4.74 0.08
N ILE A 72 -10.97 5.15 0.39
CA ILE A 72 -9.92 4.16 0.72
C ILE A 72 -9.55 4.27 2.18
N GLU A 73 -9.85 3.26 2.93
CA GLU A 73 -9.53 3.28 4.38
C GLU A 73 -8.05 2.92 4.56
N VAL A 74 -7.17 3.89 4.44
CA VAL A 74 -5.71 3.61 4.60
C VAL A 74 -5.49 3.17 6.06
N GLU A 75 -5.36 1.90 6.28
CA GLU A 75 -5.18 1.38 7.66
C GLU A 75 -3.73 1.55 8.13
N PHE A 76 -3.46 2.64 8.82
CA PHE A 76 -2.08 2.90 9.34
C PHE A 76 -2.17 3.85 10.54
N ASP A 77 -1.46 3.58 11.61
CA ASP A 77 -1.55 4.47 12.81
C ASP A 77 -0.29 4.35 13.67
N LYS A 78 0.13 3.16 14.02
CA LYS A 78 1.34 2.97 14.89
C LYS A 78 2.56 3.71 14.31
N GLY A 79 2.79 4.93 14.76
CA GLY A 79 3.95 5.76 14.28
C GLY A 79 4.20 5.52 12.79
N GLN A 80 3.18 5.65 11.96
CA GLN A 80 3.37 5.44 10.50
C GLN A 80 3.91 6.72 9.85
N ARG A 81 4.94 7.29 10.41
CA ARG A 81 5.53 8.51 9.82
C ARG A 81 6.70 8.10 8.90
N THR A 82 6.77 6.83 8.53
CA THR A 82 7.85 6.36 7.63
C THR A 82 7.49 6.73 6.20
N ASP A 83 8.29 7.54 5.59
CA ASP A 83 8.01 7.95 4.18
C ASP A 83 9.29 8.53 3.57
N LYS A 84 10.36 7.80 3.71
CA LYS A 84 11.68 8.24 3.15
C LYS A 84 12.50 6.98 2.87
N TYR A 85 12.00 6.17 1.97
CA TYR A 85 12.63 4.85 1.64
C TYR A 85 12.05 3.82 2.60
N GLY A 86 11.77 4.22 3.82
CA GLY A 86 11.13 3.30 4.80
C GLY A 86 9.74 2.94 4.27
N ARG A 87 9.21 3.76 3.36
CA ARG A 87 7.88 3.53 2.74
C ARG A 87 6.77 3.87 3.73
N VAL A 88 5.66 4.36 3.24
CA VAL A 88 4.51 4.70 4.13
C VAL A 88 3.79 3.38 4.46
N LEU A 89 4.44 2.56 5.25
CA LEU A 89 3.89 1.22 5.63
C LEU A 89 2.46 1.36 6.15
N ALA A 90 1.52 1.28 5.23
CA ALA A 90 0.08 1.42 5.61
C ALA A 90 -0.77 0.51 4.73
N TYR A 91 -1.76 -0.11 5.30
CA TYR A 91 -2.65 -1.00 4.50
C TYR A 91 -3.65 -0.12 3.75
N ILE A 92 -4.18 -0.60 2.65
CA ILE A 92 -5.12 0.25 1.86
C ILE A 92 -6.35 -0.57 1.40
N TYR A 93 -7.48 -0.41 2.06
CA TYR A 93 -8.72 -1.14 1.59
C TYR A 93 -9.83 -0.12 1.35
N ALA A 94 -10.23 0.04 0.11
CA ALA A 94 -11.29 1.00 -0.23
C ALA A 94 -12.64 0.28 -0.22
N ASP A 95 -13.62 0.91 0.37
CA ASP A 95 -14.99 0.32 0.46
C ASP A 95 -14.92 -1.08 1.09
N GLY A 96 -13.90 -1.35 1.87
CA GLY A 96 -13.73 -2.69 2.51
C GLY A 96 -12.61 -3.43 1.76
N LYS A 97 -12.70 -3.42 0.46
CA LYS A 97 -11.69 -4.09 -0.42
C LYS A 97 -11.57 -5.57 -0.06
N MET A 98 -10.66 -5.93 0.82
CA MET A 98 -10.49 -7.38 1.17
C MET A 98 -9.23 -7.58 2.04
N VAL A 99 -8.16 -6.88 1.73
CA VAL A 99 -6.88 -7.04 2.49
C VAL A 99 -7.11 -6.80 3.99
N ASN A 100 -8.14 -6.07 4.34
CA ASN A 100 -8.46 -5.80 5.79
C ASN A 100 -8.41 -7.11 6.61
N GLU A 101 -8.81 -8.23 6.02
CA GLU A 101 -8.79 -9.53 6.76
C GLU A 101 -7.36 -9.85 7.25
N ALA A 102 -6.35 -9.39 6.54
CA ALA A 102 -4.94 -9.65 6.97
C ALA A 102 -4.65 -8.88 8.25
N LEU A 103 -4.08 -9.55 9.24
CA LEU A 103 -3.76 -8.90 10.56
C LEU A 103 -5.06 -8.53 11.30
N ALA A 1 -0.32 12.10 26.81
CA ALA A 1 -0.06 11.51 25.46
C ALA A 1 1.28 10.78 25.47
N THR A 2 1.28 9.49 25.23
CA THR A 2 2.55 8.70 25.22
C THR A 2 2.58 7.80 23.98
N SER A 3 2.43 8.37 22.81
CA SER A 3 2.44 7.57 21.54
C SER A 3 1.32 6.52 21.59
N THR A 4 0.09 6.96 21.44
CA THR A 4 -1.07 6.01 21.47
C THR A 4 -1.81 6.05 20.13
N LYS A 5 -2.50 4.98 19.79
CA LYS A 5 -3.28 4.90 18.50
C LYS A 5 -2.31 4.91 17.30
N LYS A 6 -2.50 3.99 16.39
CA LYS A 6 -1.64 3.90 15.19
C LYS A 6 -2.53 3.49 14.01
N LEU A 7 -2.91 2.23 13.96
CA LEU A 7 -3.80 1.76 12.86
C LEU A 7 -5.15 2.47 12.95
N HIS A 8 -5.32 3.54 12.20
CA HIS A 8 -6.61 4.30 12.24
C HIS A 8 -7.14 4.47 10.82
N LYS A 9 -8.39 4.18 10.62
CA LYS A 9 -9.03 4.30 9.27
C LYS A 9 -9.07 5.77 8.84
N GLU A 10 -8.73 6.04 7.60
CA GLU A 10 -8.74 7.44 7.07
C GLU A 10 -8.92 7.38 5.55
N PRO A 11 -10.06 7.83 5.08
CA PRO A 11 -10.37 7.82 3.63
C PRO A 11 -9.21 8.39 2.81
N ALA A 12 -8.95 7.79 1.67
CA ALA A 12 -7.82 8.24 0.80
C ALA A 12 -8.35 8.70 -0.57
N THR A 13 -7.49 8.75 -1.55
CA THR A 13 -7.89 9.18 -2.92
C THR A 13 -6.83 8.65 -3.88
N LEU A 14 -7.13 7.56 -4.56
CA LEU A 14 -6.14 6.95 -5.50
C LEU A 14 -5.49 8.04 -6.36
N ILE A 15 -4.18 8.09 -6.35
CA ILE A 15 -3.50 9.12 -7.18
C ILE A 15 -2.95 8.46 -8.44
N LYS A 16 -2.03 7.54 -8.29
CA LYS A 16 -1.44 6.84 -9.46
C LYS A 16 -0.82 5.52 -9.00
N ALA A 17 -1.54 4.43 -9.16
CA ALA A 17 -1.00 3.11 -8.73
C ALA A 17 0.34 2.87 -9.41
N ILE A 18 1.40 2.87 -8.65
CA ILE A 18 2.77 2.66 -9.21
C ILE A 18 2.83 1.28 -9.92
N ASP A 19 2.05 0.33 -9.43
CA ASP A 19 2.03 -1.05 -10.04
C ASP A 19 3.34 -1.77 -9.71
N GLY A 20 3.25 -2.90 -9.05
CA GLY A 20 4.48 -3.67 -8.70
C GLY A 20 4.54 -3.92 -7.19
N ASP A 21 5.22 -3.08 -6.46
CA ASP A 21 5.34 -3.28 -4.98
C ASP A 21 4.53 -2.24 -4.20
N THR A 22 4.72 -0.98 -4.50
CA THR A 22 4.00 0.09 -3.74
C THR A 22 2.90 0.75 -4.59
N VAL A 23 1.96 1.39 -3.94
CA VAL A 23 0.85 2.08 -4.65
C VAL A 23 0.88 3.57 -4.27
N LYS A 24 0.49 4.46 -5.17
CA LYS A 24 0.52 5.91 -4.85
C LYS A 24 -0.91 6.42 -4.58
N LEU A 25 -1.27 6.56 -3.33
CA LEU A 25 -2.62 7.06 -2.97
C LEU A 25 -2.49 8.09 -1.85
N MET A 26 -3.28 9.13 -1.89
CA MET A 26 -3.22 10.17 -0.82
C MET A 26 -4.27 9.86 0.24
N TYR A 27 -3.86 9.72 1.48
CA TYR A 27 -4.84 9.42 2.57
C TYR A 27 -5.56 10.72 2.99
N LYS A 28 -5.96 11.51 2.03
CA LYS A 28 -6.69 12.79 2.31
C LYS A 28 -5.85 13.66 3.24
N GLY A 29 -4.68 14.03 2.79
CA GLY A 29 -3.78 14.88 3.60
C GLY A 29 -2.41 14.96 2.94
N GLN A 30 -1.96 13.86 2.36
CA GLN A 30 -0.62 13.85 1.69
C GLN A 30 -0.49 12.64 0.76
N PRO A 31 -0.28 12.92 -0.52
CA PRO A 31 -0.09 11.85 -1.54
C PRO A 31 1.24 11.15 -1.23
N MET A 32 1.19 9.90 -0.80
CA MET A 32 2.47 9.21 -0.43
C MET A 32 2.72 7.92 -1.24
N THR A 33 3.77 7.22 -0.87
CA THR A 33 4.16 5.93 -1.51
C THR A 33 4.17 4.91 -0.37
N PHE A 34 3.22 4.02 -0.39
CA PHE A 34 3.07 3.04 0.72
C PHE A 34 4.11 1.92 0.68
N ARG A 35 3.96 0.94 1.55
CA ARG A 35 4.92 -0.20 1.64
C ARG A 35 4.67 -1.22 0.52
N LEU A 36 5.44 -2.29 0.49
CA LEU A 36 5.28 -3.34 -0.56
C LEU A 36 4.83 -4.67 0.10
N LEU A 37 3.81 -4.61 0.92
CA LEU A 37 3.30 -5.84 1.60
C LEU A 37 1.78 -5.94 1.39
N LEU A 38 1.08 -4.85 1.55
CA LEU A 38 -0.41 -4.85 1.36
C LEU A 38 -0.75 -5.26 -0.08
N VAL A 39 0.14 -5.02 -1.02
CA VAL A 39 -0.12 -5.42 -2.44
C VAL A 39 0.14 -6.94 -2.60
N ASP A 40 0.80 -7.37 -3.66
CA ASP A 40 1.04 -8.84 -3.83
C ASP A 40 2.20 -9.08 -4.82
N THR A 41 3.40 -8.69 -4.46
CA THR A 41 4.56 -8.89 -5.38
C THR A 41 5.87 -8.98 -4.55
N PRO A 42 6.79 -9.80 -5.02
CA PRO A 42 8.09 -10.00 -4.35
C PRO A 42 8.92 -8.70 -4.33
N GLU A 43 10.01 -8.71 -3.59
CA GLU A 43 10.88 -7.49 -3.51
C GLU A 43 12.05 -7.61 -4.52
N THR A 44 11.76 -8.12 -5.71
CA THR A 44 12.83 -8.27 -6.77
C THR A 44 13.81 -9.38 -6.38
N LYS A 45 14.23 -10.18 -7.34
CA LYS A 45 15.20 -11.28 -7.07
C LYS A 45 16.24 -11.32 -8.19
N HIS A 46 17.44 -10.87 -7.91
CA HIS A 46 18.53 -10.85 -8.95
C HIS A 46 19.18 -12.24 -9.06
N PRO A 47 19.69 -12.77 -7.95
CA PRO A 47 20.37 -14.08 -7.93
C PRO A 47 19.41 -15.18 -8.40
N LYS A 48 18.25 -15.28 -7.80
CA LYS A 48 17.26 -16.32 -8.22
C LYS A 48 16.37 -15.78 -9.35
N LYS A 49 15.75 -16.65 -10.11
CA LYS A 49 14.86 -16.20 -11.22
C LYS A 49 13.40 -16.49 -10.84
N GLY A 50 12.68 -15.46 -10.44
CA GLY A 50 11.24 -15.65 -10.05
C GLY A 50 10.33 -15.23 -11.21
N VAL A 51 9.19 -15.87 -11.33
CA VAL A 51 8.24 -15.51 -12.42
C VAL A 51 7.04 -14.74 -11.84
N GLU A 52 7.29 -13.87 -10.89
CA GLU A 52 6.17 -13.07 -10.28
C GLU A 52 6.33 -11.59 -10.65
N LYS A 53 6.83 -11.31 -11.84
CA LYS A 53 7.00 -9.89 -12.28
C LYS A 53 5.82 -9.49 -13.17
N TYR A 54 5.67 -8.21 -13.45
CA TYR A 54 4.54 -7.74 -14.30
C TYR A 54 3.22 -8.15 -13.65
N GLY A 55 2.83 -7.45 -12.61
CA GLY A 55 1.55 -7.77 -11.87
C GLY A 55 0.43 -8.17 -12.86
N PRO A 56 0.15 -9.46 -12.91
CA PRO A 56 -0.89 -10.01 -13.80
C PRO A 56 -2.28 -9.60 -13.30
N GLU A 57 -3.32 -10.29 -13.73
CA GLU A 57 -4.70 -9.95 -13.29
C GLU A 57 -4.88 -10.43 -11.84
N ALA A 58 -4.35 -11.59 -11.51
CA ALA A 58 -4.48 -12.12 -10.12
C ALA A 58 -3.84 -11.13 -9.13
N SER A 59 -2.65 -10.66 -9.45
CA SER A 59 -1.96 -9.69 -8.54
C SER A 59 -2.61 -8.30 -8.69
N ALA A 60 -3.15 -8.00 -9.85
CA ALA A 60 -3.81 -6.67 -10.06
C ALA A 60 -5.08 -6.56 -9.20
N PHE A 61 -5.68 -7.67 -8.84
CA PHE A 61 -6.91 -7.63 -7.98
C PHE A 61 -6.60 -6.89 -6.68
N THR A 62 -5.50 -7.23 -6.04
CA THR A 62 -5.11 -6.54 -4.76
C THR A 62 -4.69 -5.10 -5.08
N LYS A 63 -4.12 -4.89 -6.24
CA LYS A 63 -3.68 -3.52 -6.63
C LYS A 63 -4.88 -2.68 -7.13
N LYS A 64 -6.04 -3.30 -7.31
CA LYS A 64 -7.24 -2.54 -7.78
C LYS A 64 -7.72 -1.59 -6.68
N MET A 65 -7.27 -1.78 -5.46
CA MET A 65 -7.68 -0.86 -4.36
C MET A 65 -7.28 0.59 -4.71
N LEU A 66 -6.51 0.79 -5.76
CA LEU A 66 -6.09 2.16 -6.17
C LEU A 66 -6.52 2.45 -7.62
N GLU A 67 -6.84 1.43 -8.41
CA GLU A 67 -7.24 1.66 -9.83
C GLU A 67 -8.71 2.04 -9.93
N ASN A 68 -9.52 1.69 -8.96
CA ASN A 68 -10.98 2.00 -9.04
C ASN A 68 -11.62 2.27 -7.66
N ALA A 69 -11.01 1.83 -6.58
CA ALA A 69 -11.62 2.07 -5.22
C ALA A 69 -11.58 3.57 -4.88
N LYS A 70 -12.71 4.10 -4.46
CA LYS A 70 -12.77 5.56 -4.10
C LYS A 70 -12.64 5.72 -2.59
N LYS A 71 -13.43 4.99 -1.83
CA LYS A 71 -13.35 5.10 -0.34
C LYS A 71 -12.17 4.24 0.13
N ILE A 72 -11.24 4.82 0.86
CA ILE A 72 -10.06 4.03 1.31
C ILE A 72 -9.73 4.36 2.77
N GLU A 73 -10.00 3.45 3.66
CA GLU A 73 -9.69 3.70 5.09
C GLU A 73 -8.21 3.37 5.31
N VAL A 74 -7.35 4.21 4.80
CA VAL A 74 -5.88 3.97 4.93
C VAL A 74 -5.49 3.96 6.42
N GLU A 75 -5.09 2.82 6.91
CA GLU A 75 -4.69 2.69 8.33
C GLU A 75 -3.17 2.87 8.40
N PHE A 76 -2.68 4.01 8.89
CA PHE A 76 -1.19 4.23 8.90
C PHE A 76 -0.70 5.03 10.13
N ASP A 77 -0.99 4.61 11.34
CA ASP A 77 -0.48 5.35 12.56
C ASP A 77 -1.15 6.72 12.67
N LYS A 78 -1.36 7.18 13.90
CA LYS A 78 -1.99 8.52 14.12
C LYS A 78 -1.23 9.58 13.32
N GLY A 79 0.08 9.53 13.34
CA GLY A 79 0.90 10.50 12.57
C GLY A 79 1.59 9.77 11.41
N GLN A 80 2.45 10.44 10.70
CA GLN A 80 3.16 9.81 9.56
C GLN A 80 4.38 9.03 10.07
N ARG A 81 4.58 7.84 9.59
CA ARG A 81 5.75 7.02 10.03
C ARG A 81 6.88 7.20 9.02
N THR A 82 7.37 8.42 8.87
CA THR A 82 8.48 8.69 7.92
C THR A 82 9.80 8.28 8.55
N ASP A 83 10.79 8.06 7.73
CA ASP A 83 12.12 7.65 8.28
C ASP A 83 13.24 7.74 7.22
N LYS A 84 13.28 6.83 6.28
CA LYS A 84 14.36 6.84 5.24
C LYS A 84 14.07 7.89 4.15
N TYR A 85 12.97 8.58 4.27
CA TYR A 85 12.58 9.63 3.27
C TYR A 85 11.11 9.99 3.51
N GLY A 86 10.33 9.03 3.96
CA GLY A 86 8.90 9.28 4.23
C GLY A 86 8.16 7.94 4.17
N ARG A 87 7.94 7.45 2.98
CA ARG A 87 7.23 6.15 2.79
C ARG A 87 5.91 6.12 3.58
N VAL A 88 5.14 5.09 3.43
CA VAL A 88 3.86 5.01 4.17
C VAL A 88 3.51 3.56 4.45
N LEU A 89 4.32 2.99 5.29
CA LEU A 89 4.15 1.57 5.74
C LEU A 89 2.75 1.40 6.37
N ALA A 90 1.75 1.10 5.57
CA ALA A 90 0.37 0.97 6.14
C ALA A 90 -0.52 0.09 5.25
N TYR A 91 -1.80 0.04 5.58
CA TYR A 91 -2.76 -0.79 4.80
C TYR A 91 -3.75 0.11 4.07
N ILE A 92 -4.22 -0.35 2.93
CA ILE A 92 -5.19 0.44 2.12
C ILE A 92 -6.54 -0.29 2.12
N TYR A 93 -7.50 0.22 2.84
CA TYR A 93 -8.84 -0.43 2.90
C TYR A 93 -9.76 0.23 1.89
N ALA A 94 -9.65 -0.16 0.65
CA ALA A 94 -10.50 0.45 -0.38
C ALA A 94 -11.49 -0.57 -0.95
N ASP A 95 -12.76 -0.30 -0.82
CA ASP A 95 -13.83 -1.22 -1.33
C ASP A 95 -13.90 -2.49 -0.46
N GLY A 96 -12.87 -3.31 -0.49
CA GLY A 96 -12.86 -4.56 0.33
C GLY A 96 -12.73 -4.23 1.82
N LYS A 97 -12.26 -3.04 2.16
CA LYS A 97 -12.11 -2.65 3.61
C LYS A 97 -10.89 -3.34 4.24
N MET A 98 -10.23 -4.24 3.53
CA MET A 98 -9.05 -4.95 4.10
C MET A 98 -8.29 -5.66 2.97
N VAL A 99 -8.38 -5.17 1.76
CA VAL A 99 -7.67 -5.80 0.58
C VAL A 99 -8.02 -7.31 0.48
N ASN A 100 -9.09 -7.74 1.12
CA ASN A 100 -9.49 -9.18 1.05
C ASN A 100 -10.25 -9.47 -0.25
N GLU A 101 -10.79 -8.45 -0.90
CA GLU A 101 -11.54 -8.65 -2.17
C GLU A 101 -10.70 -9.47 -3.16
N ALA A 102 -9.42 -9.19 -3.26
CA ALA A 102 -8.54 -9.94 -4.19
C ALA A 102 -8.30 -11.37 -3.64
N LEU A 103 -8.58 -12.37 -4.44
CA LEU A 103 -8.37 -13.77 -3.98
C LEU A 103 -6.91 -14.20 -4.22
N ALA A 1 -2.89 9.94 17.19
CA ALA A 1 -2.61 8.48 17.19
C ALA A 1 -2.21 8.02 18.60
N THR A 2 -2.73 6.91 19.04
CA THR A 2 -2.40 6.39 20.41
C THR A 2 -1.02 5.71 20.38
N SER A 3 -0.52 5.35 21.53
CA SER A 3 0.82 4.67 21.59
C SER A 3 0.63 3.15 21.75
N THR A 4 -0.41 2.61 21.14
CA THR A 4 -0.67 1.14 21.24
C THR A 4 -1.49 0.67 20.03
N LYS A 5 -1.34 1.32 18.90
CA LYS A 5 -2.12 0.92 17.68
C LYS A 5 -1.26 0.00 16.80
N LYS A 6 -1.64 -0.16 15.54
CA LYS A 6 -0.88 -1.07 14.61
C LYS A 6 -1.59 -1.13 13.25
N LEU A 7 -2.90 -0.95 13.23
CA LEU A 7 -3.67 -0.99 11.95
C LEU A 7 -4.89 -0.06 12.09
N HIS A 8 -4.74 1.19 11.69
CA HIS A 8 -5.85 2.18 11.81
C HIS A 8 -6.62 2.29 10.47
N LYS A 9 -7.18 3.44 10.16
CA LYS A 9 -7.95 3.59 8.87
C LYS A 9 -8.39 5.05 8.68
N GLU A 10 -8.28 5.55 7.47
CA GLU A 10 -8.69 6.96 7.18
C GLU A 10 -8.89 7.10 5.67
N PRO A 11 -10.05 7.56 5.26
CA PRO A 11 -10.37 7.71 3.83
C PRO A 11 -9.30 8.50 3.08
N ALA A 12 -8.98 8.07 1.89
CA ALA A 12 -7.95 8.73 1.06
C ALA A 12 -8.56 9.11 -0.30
N THR A 13 -7.74 9.41 -1.29
CA THR A 13 -8.28 9.75 -2.64
C THR A 13 -7.45 9.02 -3.69
N LEU A 14 -8.02 7.98 -4.26
CA LEU A 14 -7.31 7.15 -5.29
C LEU A 14 -6.38 8.00 -6.17
N ILE A 15 -5.09 7.76 -6.08
CA ILE A 15 -4.13 8.52 -6.94
C ILE A 15 -3.67 7.61 -8.08
N LYS A 16 -2.88 6.60 -7.78
CA LYS A 16 -2.39 5.66 -8.84
C LYS A 16 -1.55 4.56 -8.18
N ALA A 17 -1.80 3.32 -8.54
CA ALA A 17 -1.02 2.20 -7.95
C ALA A 17 0.33 2.08 -8.68
N ILE A 18 1.40 2.29 -7.96
CA ILE A 18 2.77 2.21 -8.55
C ILE A 18 2.97 0.80 -9.13
N ASP A 19 2.88 -0.21 -8.29
CA ASP A 19 3.05 -1.62 -8.75
C ASP A 19 2.64 -2.56 -7.60
N GLY A 20 3.08 -3.80 -7.64
CA GLY A 20 2.74 -4.76 -6.55
C GLY A 20 3.74 -4.62 -5.40
N ASP A 21 4.07 -3.39 -5.04
CA ASP A 21 5.06 -3.14 -3.95
C ASP A 21 4.67 -1.85 -3.22
N THR A 22 4.49 -0.78 -3.96
CA THR A 22 4.14 0.54 -3.35
C THR A 22 2.80 1.04 -3.94
N VAL A 23 2.20 2.02 -3.32
CA VAL A 23 0.90 2.59 -3.84
C VAL A 23 0.87 4.11 -3.61
N LYS A 24 0.14 4.84 -4.42
CA LYS A 24 0.08 6.33 -4.25
C LYS A 24 -1.31 6.73 -3.76
N LEU A 25 -1.37 7.52 -2.71
CA LEU A 25 -2.70 7.94 -2.18
C LEU A 25 -2.59 9.30 -1.48
N MET A 26 -3.59 10.14 -1.64
CA MET A 26 -3.58 11.48 -0.98
C MET A 26 -4.51 11.41 0.25
N TYR A 27 -4.11 10.63 1.23
CA TYR A 27 -4.95 10.47 2.45
C TYR A 27 -4.79 11.67 3.40
N LYS A 28 -3.60 12.21 3.53
CA LYS A 28 -3.40 13.37 4.44
C LYS A 28 -3.27 14.67 3.65
N GLY A 29 -3.97 14.75 2.54
CA GLY A 29 -3.91 15.98 1.70
C GLY A 29 -2.66 16.01 0.84
N GLN A 30 -1.85 14.96 0.86
CA GLN A 30 -0.61 14.97 0.01
C GLN A 30 -0.33 13.56 -0.52
N PRO A 31 0.09 13.51 -1.78
CA PRO A 31 0.41 12.23 -2.45
C PRO A 31 1.61 11.55 -1.78
N MET A 32 1.48 10.31 -1.40
CA MET A 32 2.60 9.59 -0.73
C MET A 32 2.79 8.21 -1.39
N THR A 33 3.65 7.40 -0.84
CA THR A 33 3.89 6.05 -1.40
C THR A 33 3.56 5.00 -0.32
N PHE A 34 2.30 4.71 -0.18
CA PHE A 34 1.82 3.71 0.84
C PHE A 34 2.45 2.34 0.60
N ARG A 35 2.46 1.48 1.59
CA ARG A 35 3.05 0.13 1.42
C ARG A 35 1.96 -0.83 0.91
N LEU A 36 2.10 -1.29 -0.31
CA LEU A 36 1.12 -2.28 -0.85
C LEU A 36 1.34 -3.58 -0.08
N LEU A 37 2.59 -3.80 0.27
CA LEU A 37 3.00 -5.00 1.06
C LEU A 37 4.37 -4.65 1.68
N LEU A 38 4.59 -3.37 1.92
CA LEU A 38 5.89 -2.87 2.48
C LEU A 38 7.06 -3.44 1.67
N VAL A 39 6.82 -3.74 0.42
CA VAL A 39 7.89 -4.29 -0.47
C VAL A 39 8.95 -3.19 -0.72
N ASP A 40 10.02 -3.22 0.04
CA ASP A 40 11.10 -2.19 -0.13
C ASP A 40 12.46 -2.82 0.25
N THR A 41 12.76 -3.99 -0.26
CA THR A 41 14.05 -4.65 0.07
C THR A 41 14.68 -5.18 -1.23
N PRO A 42 15.84 -4.64 -1.57
CA PRO A 42 16.58 -5.05 -2.79
C PRO A 42 17.05 -6.51 -2.67
N GLU A 43 17.36 -7.13 -3.79
CA GLU A 43 17.83 -8.55 -3.78
C GLU A 43 19.04 -8.69 -4.72
N THR A 44 20.13 -9.21 -4.22
CA THR A 44 21.35 -9.39 -5.07
C THR A 44 21.20 -10.67 -5.91
N LYS A 45 21.69 -10.66 -7.13
CA LYS A 45 21.58 -11.86 -8.02
C LYS A 45 22.76 -11.88 -9.01
N HIS A 46 23.04 -13.04 -9.57
CA HIS A 46 24.17 -13.15 -10.55
C HIS A 46 23.71 -12.64 -11.93
N PRO A 47 24.68 -12.35 -12.78
CA PRO A 47 24.40 -11.84 -14.15
C PRO A 47 23.57 -12.87 -14.95
N LYS A 48 22.32 -12.54 -15.21
CA LYS A 48 21.43 -13.48 -15.98
C LYS A 48 20.21 -12.71 -16.51
N LYS A 49 19.56 -13.25 -17.52
CA LYS A 49 18.36 -12.56 -18.09
C LYS A 49 17.19 -12.64 -17.08
N GLY A 50 16.48 -11.55 -16.92
CA GLY A 50 15.33 -11.55 -15.95
C GLY A 50 14.02 -11.77 -16.70
N VAL A 51 13.00 -11.01 -16.37
CA VAL A 51 11.69 -11.16 -17.06
C VAL A 51 10.86 -9.88 -16.87
N GLU A 52 10.19 -9.45 -17.92
CA GLU A 52 9.35 -8.21 -17.82
C GLU A 52 8.18 -8.46 -16.87
N LYS A 53 8.06 -7.67 -15.82
CA LYS A 53 6.96 -7.87 -14.85
C LYS A 53 6.16 -6.56 -14.68
N TYR A 54 4.86 -6.66 -14.52
CA TYR A 54 4.01 -5.44 -14.34
C TYR A 54 3.03 -5.67 -13.19
N GLY A 55 2.21 -6.69 -13.29
CA GLY A 55 1.22 -6.98 -12.20
C GLY A 55 1.34 -8.45 -11.76
N PRO A 56 1.41 -8.66 -10.46
CA PRO A 56 1.52 -10.01 -9.86
C PRO A 56 0.26 -10.85 -10.15
N GLU A 57 0.02 -11.86 -9.34
CA GLU A 57 -1.19 -12.72 -9.54
C GLU A 57 -2.17 -12.48 -8.39
N ALA A 58 -1.79 -12.85 -7.18
CA ALA A 58 -2.70 -12.64 -6.00
C ALA A 58 -2.57 -11.17 -5.55
N SER A 59 -1.36 -10.65 -5.53
CA SER A 59 -1.15 -9.23 -5.11
C SER A 59 -1.74 -8.29 -6.18
N ALA A 60 -1.82 -8.72 -7.42
CA ALA A 60 -2.38 -7.87 -8.51
C ALA A 60 -3.82 -7.46 -8.13
N PHE A 61 -4.58 -8.38 -7.60
CA PHE A 61 -5.99 -8.06 -7.19
C PHE A 61 -5.95 -7.03 -6.07
N THR A 62 -5.06 -7.19 -5.13
CA THR A 62 -4.93 -6.22 -4.00
C THR A 62 -4.54 -4.84 -4.57
N LYS A 63 -3.73 -4.83 -5.61
CA LYS A 63 -3.30 -3.55 -6.25
C LYS A 63 -4.50 -2.83 -6.90
N LYS A 64 -5.59 -3.52 -7.13
CA LYS A 64 -6.79 -2.87 -7.74
C LYS A 64 -7.39 -1.87 -6.76
N MET A 65 -7.00 -1.92 -5.50
CA MET A 65 -7.53 -0.96 -4.48
C MET A 65 -7.20 0.49 -4.90
N LEU A 66 -6.34 0.67 -5.88
CA LEU A 66 -5.96 2.04 -6.33
C LEU A 66 -6.34 2.23 -7.82
N GLU A 67 -6.72 1.18 -8.52
CA GLU A 67 -7.08 1.32 -9.96
C GLU A 67 -8.54 1.75 -10.12
N ASN A 68 -9.33 1.74 -9.06
CA ASN A 68 -10.78 2.10 -9.21
C ASN A 68 -11.44 2.51 -7.87
N ALA A 69 -10.92 2.07 -6.75
CA ALA A 69 -11.56 2.42 -5.43
C ALA A 69 -11.37 3.90 -5.12
N LYS A 70 -12.45 4.62 -4.93
CA LYS A 70 -12.36 6.08 -4.61
C LYS A 70 -12.17 6.26 -3.09
N LYS A 71 -13.02 5.66 -2.30
CA LYS A 71 -12.88 5.78 -0.81
C LYS A 71 -11.78 4.80 -0.38
N ILE A 72 -10.90 5.22 0.51
CA ILE A 72 -9.80 4.32 0.93
C ILE A 72 -9.42 4.59 2.37
N GLU A 73 -9.85 3.74 3.26
CA GLU A 73 -9.52 3.91 4.70
C GLU A 73 -8.11 3.37 4.93
N VAL A 74 -7.12 4.04 4.36
CA VAL A 74 -5.70 3.59 4.51
C VAL A 74 -5.39 3.23 5.97
N GLU A 75 -4.97 2.01 6.17
CA GLU A 75 -4.64 1.53 7.54
C GLU A 75 -3.14 1.75 7.78
N PHE A 76 -2.77 2.92 8.29
CA PHE A 76 -1.31 3.20 8.52
C PHE A 76 -0.98 3.15 10.03
N ASP A 77 -1.58 2.24 10.76
CA ASP A 77 -1.32 2.10 12.25
C ASP A 77 -1.29 3.46 12.97
N LYS A 78 -0.83 3.46 14.21
CA LYS A 78 -0.76 4.75 14.99
C LYS A 78 0.36 5.63 14.43
N GLY A 79 0.01 6.64 13.65
CA GLY A 79 1.05 7.54 13.07
C GLY A 79 1.63 6.91 11.81
N GLN A 80 2.33 7.69 11.04
CA GLN A 80 2.96 7.17 9.78
C GLN A 80 3.80 5.92 10.08
N ARG A 81 4.39 5.86 11.27
CA ARG A 81 5.22 4.68 11.69
C ARG A 81 6.66 4.80 11.17
N THR A 82 6.85 5.35 9.99
CA THR A 82 8.24 5.48 9.44
C THR A 82 8.39 6.82 8.71
N ASP A 83 8.18 6.84 7.40
CA ASP A 83 8.30 8.10 6.60
C ASP A 83 9.79 8.52 6.46
N LYS A 84 10.70 7.87 7.13
CA LYS A 84 12.16 8.22 7.00
C LYS A 84 12.81 7.23 6.03
N TYR A 85 12.26 6.05 5.96
CA TYR A 85 12.77 4.98 5.05
C TYR A 85 11.65 3.95 4.88
N GLY A 86 10.92 3.68 5.95
CA GLY A 86 9.79 2.71 5.87
C GLY A 86 8.70 3.26 4.93
N ARG A 87 8.78 4.52 4.55
CA ARG A 87 7.76 5.11 3.64
C ARG A 87 6.43 5.24 4.37
N VAL A 88 5.34 5.20 3.65
CA VAL A 88 4.01 5.29 4.30
C VAL A 88 3.53 3.85 4.54
N LEU A 89 4.02 3.23 5.58
CA LEU A 89 3.63 1.82 5.88
C LEU A 89 2.15 1.77 6.23
N ALA A 90 1.32 1.50 5.24
CA ALA A 90 -0.15 1.44 5.46
C ALA A 90 -0.82 0.66 4.34
N TYR A 91 -1.82 -0.13 4.66
CA TYR A 91 -2.53 -0.90 3.60
C TYR A 91 -3.69 -0.05 3.07
N ILE A 92 -4.27 -0.45 1.97
CA ILE A 92 -5.37 0.35 1.38
C ILE A 92 -6.70 -0.39 1.60
N TYR A 93 -7.65 0.28 2.21
CA TYR A 93 -8.96 -0.37 2.52
C TYR A 93 -10.09 0.40 1.84
N ALA A 94 -10.49 -0.02 0.67
CA ALA A 94 -11.58 0.68 -0.03
C ALA A 94 -12.92 0.00 0.26
N ASP A 95 -13.86 0.10 -0.65
CA ASP A 95 -15.22 -0.53 -0.47
C ASP A 95 -15.10 -1.90 0.21
N GLY A 96 -14.33 -2.79 -0.36
CA GLY A 96 -14.16 -4.15 0.25
C GLY A 96 -12.77 -4.68 -0.05
N LYS A 97 -11.81 -3.81 -0.14
CA LYS A 97 -10.44 -4.29 -0.41
C LYS A 97 -9.86 -4.83 0.89
N MET A 98 -9.22 -3.99 1.69
CA MET A 98 -8.62 -4.49 2.96
C MET A 98 -7.66 -5.61 2.58
N VAL A 99 -7.24 -5.61 1.31
CA VAL A 99 -6.32 -6.66 0.83
C VAL A 99 -6.96 -8.05 1.10
N ASN A 100 -8.29 -8.09 1.23
CA ASN A 100 -9.00 -9.39 1.51
C ASN A 100 -8.76 -10.41 0.40
N GLU A 101 -8.59 -9.97 -0.84
CA GLU A 101 -8.36 -10.92 -1.96
C GLU A 101 -7.18 -11.87 -1.62
N ALA A 102 -6.14 -11.35 -1.02
CA ALA A 102 -4.98 -12.22 -0.65
C ALA A 102 -5.34 -13.03 0.60
N LEU A 103 -5.76 -14.26 0.42
CA LEU A 103 -6.14 -15.12 1.59
C LEU A 103 -5.05 -16.18 1.84
N ALA A 1 -4.04 8.44 28.29
CA ALA A 1 -3.60 7.13 27.71
C ALA A 1 -4.63 6.66 26.68
N THR A 2 -4.20 6.46 25.45
CA THR A 2 -5.14 5.99 24.38
C THR A 2 -4.57 4.76 23.70
N SER A 3 -3.33 4.82 23.24
CA SER A 3 -2.69 3.66 22.56
C SER A 3 -3.54 3.23 21.35
N THR A 4 -3.74 4.12 20.41
CA THR A 4 -4.57 3.78 19.21
C THR A 4 -3.73 4.02 17.94
N LYS A 5 -2.47 3.62 17.96
CA LYS A 5 -1.60 3.81 16.77
C LYS A 5 -1.11 2.45 16.27
N LYS A 6 -1.95 1.75 15.52
CA LYS A 6 -1.59 0.41 14.99
C LYS A 6 -2.37 0.19 13.68
N LEU A 7 -3.68 0.15 13.78
CA LEU A 7 -4.53 -0.03 12.57
C LEU A 7 -5.79 0.85 12.72
N HIS A 8 -5.91 1.87 11.91
CA HIS A 8 -7.10 2.77 12.02
C HIS A 8 -7.52 3.20 10.61
N LYS A 9 -8.76 2.98 10.30
CA LYS A 9 -9.31 3.37 8.96
C LYS A 9 -9.27 4.89 8.80
N GLU A 10 -8.98 5.34 7.60
CA GLU A 10 -8.91 6.80 7.32
C GLU A 10 -9.04 6.98 5.80
N PRO A 11 -10.10 7.63 5.37
CA PRO A 11 -10.34 7.84 3.94
C PRO A 11 -9.15 8.51 3.25
N ALA A 12 -8.88 8.08 2.05
CA ALA A 12 -7.74 8.63 1.26
C ALA A 12 -8.26 9.04 -0.14
N THR A 13 -7.39 9.08 -1.12
CA THR A 13 -7.83 9.45 -2.49
C THR A 13 -6.90 8.75 -3.49
N LEU A 14 -7.37 7.66 -4.06
CA LEU A 14 -6.54 6.88 -5.02
C LEU A 14 -5.81 7.82 -6.00
N ILE A 15 -4.51 7.77 -6.01
CA ILE A 15 -3.75 8.65 -6.93
C ILE A 15 -3.42 7.88 -8.22
N LYS A 16 -2.77 6.74 -8.09
CA LYS A 16 -2.42 5.93 -9.30
C LYS A 16 -1.66 4.66 -8.86
N ALA A 17 -2.13 3.51 -9.29
CA ALA A 17 -1.44 2.24 -8.91
C ALA A 17 -0.11 2.17 -9.67
N ILE A 18 0.96 2.42 -8.98
CA ILE A 18 2.32 2.40 -9.59
C ILE A 18 2.64 0.98 -10.09
N ASP A 19 2.78 0.04 -9.17
CA ASP A 19 3.10 -1.36 -9.55
C ASP A 19 3.03 -2.25 -8.30
N GLY A 20 3.38 -3.50 -8.43
CA GLY A 20 3.34 -4.42 -7.27
C GLY A 20 4.31 -3.91 -6.21
N ASP A 21 3.85 -3.89 -4.98
CA ASP A 21 4.67 -3.40 -3.82
C ASP A 21 4.44 -1.90 -3.62
N THR A 22 4.11 -1.16 -4.66
CA THR A 22 3.90 0.30 -4.52
C THR A 22 2.46 0.69 -4.87
N VAL A 23 2.00 1.79 -4.32
CA VAL A 23 0.61 2.27 -4.61
C VAL A 23 0.55 3.78 -4.30
N LYS A 24 0.25 4.58 -5.29
CA LYS A 24 0.18 6.06 -5.06
C LYS A 24 -1.15 6.42 -4.40
N LEU A 25 -1.11 6.88 -3.18
CA LEU A 25 -2.36 7.25 -2.46
C LEU A 25 -2.01 8.22 -1.32
N MET A 26 -2.95 9.08 -0.97
CA MET A 26 -2.69 10.05 0.13
C MET A 26 -3.94 10.14 1.01
N TYR A 27 -3.76 10.40 2.29
CA TYR A 27 -4.95 10.53 3.19
C TYR A 27 -5.45 11.98 3.15
N LYS A 28 -5.59 12.52 1.97
CA LYS A 28 -6.06 13.93 1.80
C LYS A 28 -5.16 14.88 2.59
N GLY A 29 -3.90 14.90 2.26
CA GLY A 29 -2.94 15.78 2.97
C GLY A 29 -1.59 15.79 2.24
N GLN A 30 -1.17 14.65 1.73
CA GLN A 30 0.14 14.58 1.02
C GLN A 30 0.21 13.31 0.14
N PRO A 31 0.49 13.50 -1.13
CA PRO A 31 0.60 12.38 -2.09
C PRO A 31 1.69 11.41 -1.63
N MET A 32 1.31 10.20 -1.25
CA MET A 32 2.33 9.23 -0.75
C MET A 32 2.30 7.93 -1.57
N THR A 33 3.11 6.97 -1.16
CA THR A 33 3.20 5.65 -1.83
C THR A 33 3.30 4.61 -0.72
N PHE A 34 2.52 3.57 -0.76
CA PHE A 34 2.55 2.59 0.36
C PHE A 34 3.34 1.31 0.01
N ARG A 35 4.11 0.84 0.95
CA ARG A 35 4.92 -0.41 0.76
C ARG A 35 5.03 -1.11 2.12
N LEU A 36 4.74 -2.37 2.16
CA LEU A 36 4.79 -3.14 3.46
C LEU A 36 4.63 -4.64 3.17
N LEU A 37 3.50 -5.23 3.49
CA LEU A 37 3.32 -6.68 3.15
C LEU A 37 2.98 -6.74 1.66
N LEU A 38 2.43 -5.66 1.13
CA LEU A 38 2.09 -5.57 -0.31
C LEU A 38 3.38 -5.74 -1.14
N VAL A 39 4.48 -5.27 -0.62
CA VAL A 39 5.77 -5.40 -1.35
C VAL A 39 6.34 -6.81 -1.16
N ASP A 40 6.24 -7.61 -2.19
CA ASP A 40 6.75 -9.02 -2.13
C ASP A 40 8.27 -9.01 -2.33
N THR A 41 8.78 -8.09 -3.12
CA THR A 41 10.25 -8.02 -3.37
C THR A 41 10.93 -7.33 -2.17
N PRO A 42 12.02 -7.90 -1.72
CA PRO A 42 12.80 -7.35 -0.57
C PRO A 42 13.31 -5.94 -0.89
N GLU A 43 13.77 -5.22 0.12
CA GLU A 43 14.28 -3.84 -0.10
C GLU A 43 15.81 -3.87 -0.30
N THR A 44 16.31 -4.91 -0.95
CA THR A 44 17.77 -5.03 -1.20
C THR A 44 18.01 -5.67 -2.57
N LYS A 45 19.25 -5.81 -2.97
CA LYS A 45 19.56 -6.43 -4.30
C LYS A 45 19.48 -7.96 -4.17
N HIS A 46 18.49 -8.56 -4.80
CA HIS A 46 18.34 -10.05 -4.72
C HIS A 46 18.35 -10.65 -6.13
N PRO A 47 18.92 -11.83 -6.24
CA PRO A 47 19.01 -12.56 -7.52
C PRO A 47 17.61 -12.92 -8.04
N LYS A 48 17.44 -12.96 -9.34
CA LYS A 48 16.11 -13.32 -9.93
C LYS A 48 16.30 -14.20 -11.17
N LYS A 49 15.35 -15.04 -11.46
CA LYS A 49 15.46 -15.95 -12.64
C LYS A 49 14.59 -15.42 -13.80
N GLY A 50 14.68 -14.14 -14.08
CA GLY A 50 13.87 -13.54 -15.18
C GLY A 50 12.45 -13.25 -14.69
N VAL A 51 12.11 -12.00 -14.52
CA VAL A 51 10.74 -11.65 -14.04
C VAL A 51 10.05 -10.76 -15.09
N GLU A 52 8.99 -11.25 -15.69
CA GLU A 52 8.26 -10.46 -16.72
C GLU A 52 6.83 -10.16 -16.24
N LYS A 53 6.66 -9.92 -14.95
CA LYS A 53 5.31 -9.61 -14.40
C LYS A 53 5.41 -8.54 -13.31
N TYR A 54 4.30 -7.95 -12.93
CA TYR A 54 4.31 -6.89 -11.88
C TYR A 54 4.39 -7.54 -10.50
N GLY A 55 3.42 -8.37 -10.15
CA GLY A 55 3.43 -9.04 -8.82
C GLY A 55 2.09 -9.75 -8.60
N PRO A 56 1.84 -10.78 -9.38
CA PRO A 56 0.58 -11.56 -9.28
C PRO A 56 0.44 -12.24 -7.92
N GLU A 57 1.54 -12.67 -7.32
CA GLU A 57 1.48 -13.36 -5.99
C GLU A 57 0.46 -12.67 -5.07
N ALA A 58 0.70 -11.43 -4.70
CA ALA A 58 -0.26 -10.69 -3.83
C ALA A 58 -0.33 -9.20 -4.22
N SER A 59 0.43 -8.78 -5.21
CA SER A 59 0.40 -7.34 -5.63
C SER A 59 -0.78 -7.08 -6.57
N ALA A 60 -1.00 -7.95 -7.53
CA ALA A 60 -2.12 -7.75 -8.50
C ALA A 60 -3.47 -7.57 -7.78
N PHE A 61 -3.62 -8.13 -6.61
CA PHE A 61 -4.92 -8.00 -5.86
C PHE A 61 -4.97 -6.65 -5.12
N THR A 62 -3.92 -6.33 -4.38
CA THR A 62 -3.90 -5.05 -3.60
C THR A 62 -3.52 -3.87 -4.52
N LYS A 63 -2.82 -4.14 -5.61
CA LYS A 63 -2.44 -3.04 -6.56
C LYS A 63 -3.71 -2.31 -6.98
N LYS A 64 -4.81 -3.03 -7.00
CA LYS A 64 -6.11 -2.43 -7.33
C LYS A 64 -6.59 -1.74 -6.04
N MET A 65 -7.84 -1.88 -5.66
CA MET A 65 -8.28 -1.21 -4.39
C MET A 65 -7.81 0.25 -4.41
N LEU A 66 -7.67 0.79 -5.60
CA LEU A 66 -7.16 2.18 -5.78
C LEU A 66 -7.37 2.57 -7.25
N GLU A 67 -7.09 1.66 -8.17
CA GLU A 67 -7.26 1.98 -9.62
C GLU A 67 -8.74 1.84 -10.04
N ASN A 68 -9.67 1.81 -9.10
CA ASN A 68 -11.12 1.67 -9.48
C ASN A 68 -12.04 2.23 -8.39
N ALA A 69 -11.70 2.05 -7.12
CA ALA A 69 -12.56 2.57 -6.02
C ALA A 69 -12.34 4.07 -5.79
N LYS A 70 -13.01 4.62 -4.81
CA LYS A 70 -12.88 6.08 -4.51
C LYS A 70 -12.81 6.25 -2.99
N LYS A 71 -13.67 5.55 -2.27
CA LYS A 71 -13.65 5.62 -0.79
C LYS A 71 -12.52 4.73 -0.30
N ILE A 72 -11.81 5.10 0.73
CA ILE A 72 -10.66 4.26 1.20
C ILE A 72 -10.56 4.32 2.72
N GLU A 73 -9.76 3.47 3.29
CA GLU A 73 -9.57 3.46 4.77
C GLU A 73 -8.10 3.10 5.05
N VAL A 74 -7.20 4.03 4.78
CA VAL A 74 -5.74 3.74 4.99
C VAL A 74 -5.52 3.31 6.45
N GLU A 75 -5.30 2.04 6.68
CA GLU A 75 -5.06 1.56 8.07
C GLU A 75 -3.55 1.62 8.35
N PHE A 76 -3.09 2.72 8.92
CA PHE A 76 -1.64 2.86 9.22
C PHE A 76 -1.45 3.33 10.66
N ASP A 77 -0.62 2.62 11.39
CA ASP A 77 -0.33 2.96 12.82
C ASP A 77 0.35 4.34 12.92
N LYS A 78 0.96 4.63 14.04
CA LYS A 78 1.66 5.94 14.22
C LYS A 78 2.55 6.22 13.00
N GLY A 79 2.69 7.46 12.62
CA GLY A 79 3.53 7.84 11.43
C GLY A 79 4.85 7.07 11.45
N GLN A 80 4.94 6.03 10.66
CA GLN A 80 6.18 5.21 10.62
C GLN A 80 7.21 5.93 9.73
N ARG A 81 6.76 6.50 8.62
CA ARG A 81 7.64 7.25 7.67
C ARG A 81 9.10 6.76 7.75
N THR A 82 9.31 5.48 7.66
CA THR A 82 10.70 4.90 7.73
C THR A 82 10.73 3.53 7.06
N ASP A 83 11.67 3.33 6.16
CA ASP A 83 11.84 2.04 5.41
C ASP A 83 12.50 2.37 4.07
N LYS A 84 11.71 2.78 3.09
CA LYS A 84 12.27 3.17 1.77
C LYS A 84 12.27 4.69 1.74
N TYR A 85 13.29 5.30 2.31
CA TYR A 85 13.35 6.79 2.40
C TYR A 85 12.28 7.23 3.44
N GLY A 86 11.79 6.28 4.21
CA GLY A 86 10.75 6.58 5.24
C GLY A 86 9.41 6.78 4.53
N ARG A 87 8.98 5.76 3.83
CA ARG A 87 7.70 5.83 3.08
C ARG A 87 6.53 5.47 4.00
N VAL A 88 5.33 5.66 3.52
CA VAL A 88 4.12 5.34 4.33
C VAL A 88 3.81 3.84 4.25
N LEU A 89 4.48 3.05 5.05
CA LEU A 89 4.22 1.58 5.03
C LEU A 89 2.83 1.31 5.61
N ALA A 90 1.82 1.29 4.78
CA ALA A 90 0.44 1.05 5.30
C ALA A 90 -0.46 0.46 4.21
N TYR A 91 -1.44 -0.29 4.61
CA TYR A 91 -2.39 -0.92 3.64
C TYR A 91 -3.40 0.13 3.16
N ILE A 92 -4.11 -0.16 2.10
CA ILE A 92 -5.11 0.79 1.55
C ILE A 92 -6.34 0.03 1.08
N TYR A 93 -7.40 0.01 1.86
CA TYR A 93 -8.63 -0.73 1.44
C TYR A 93 -9.67 0.27 0.97
N ALA A 94 -10.08 0.16 -0.26
CA ALA A 94 -11.10 1.09 -0.79
C ALA A 94 -12.49 0.63 -0.34
N ASP A 95 -13.18 1.48 0.36
CA ASP A 95 -14.55 1.16 0.88
C ASP A 95 -14.48 -0.12 1.75
N GLY A 96 -13.37 -0.34 2.42
CA GLY A 96 -13.22 -1.56 3.28
C GLY A 96 -12.36 -2.57 2.51
N LYS A 97 -12.62 -2.70 1.22
CA LYS A 97 -11.85 -3.63 0.35
C LYS A 97 -11.79 -5.03 0.96
N MET A 98 -10.77 -5.34 1.74
CA MET A 98 -10.66 -6.72 2.31
C MET A 98 -9.32 -6.94 3.03
N VAL A 99 -8.25 -6.35 2.52
CA VAL A 99 -6.89 -6.55 3.13
C VAL A 99 -6.94 -6.25 4.64
N ASN A 100 -7.82 -5.38 5.07
CA ASN A 100 -7.93 -5.06 6.54
C ASN A 100 -8.19 -6.36 7.33
N GLU A 101 -9.06 -7.21 6.82
CA GLU A 101 -9.38 -8.49 7.52
C GLU A 101 -8.29 -9.53 7.21
N ALA A 102 -7.71 -9.48 6.02
CA ALA A 102 -6.66 -10.47 5.64
C ALA A 102 -5.60 -10.57 6.74
N LEU A 103 -5.38 -11.75 7.26
CA LEU A 103 -4.36 -11.94 8.34
C LEU A 103 -2.97 -12.14 7.73
N ALA A 1 6.32 1.35 24.49
CA ALA A 1 4.95 1.92 24.40
C ALA A 1 4.53 2.00 22.93
N THR A 2 3.44 1.37 22.57
CA THR A 2 2.96 1.40 21.16
C THR A 2 1.42 1.29 21.12
N SER A 3 0.75 1.99 22.01
CA SER A 3 -0.74 1.95 22.04
C SER A 3 -1.31 3.18 21.33
N THR A 4 -0.74 3.55 20.20
CA THR A 4 -1.23 4.75 19.45
C THR A 4 -1.18 4.45 17.94
N LYS A 5 -0.07 3.94 17.45
CA LYS A 5 0.05 3.63 16.00
C LYS A 5 -0.21 2.13 15.77
N LYS A 6 -1.26 1.78 15.05
CA LYS A 6 -1.54 0.33 14.82
C LYS A 6 -2.13 0.10 13.40
N LEU A 7 -3.20 0.77 13.05
CA LEU A 7 -3.82 0.60 11.68
C LEU A 7 -5.20 1.28 11.63
N HIS A 8 -5.23 2.58 11.80
CA HIS A 8 -6.53 3.32 11.74
C HIS A 8 -6.84 3.67 10.28
N LYS A 9 -8.10 3.60 9.90
CA LYS A 9 -8.50 3.90 8.48
C LYS A 9 -8.89 5.37 8.31
N GLU A 10 -8.71 5.91 7.13
CA GLU A 10 -9.07 7.34 6.84
C GLU A 10 -9.13 7.51 5.32
N PRO A 11 -10.28 7.89 4.82
CA PRO A 11 -10.48 8.06 3.36
C PRO A 11 -9.31 8.82 2.71
N ALA A 12 -8.90 8.37 1.56
CA ALA A 12 -7.76 9.01 0.82
C ALA A 12 -8.22 9.35 -0.61
N THR A 13 -7.29 9.45 -1.54
CA THR A 13 -7.65 9.76 -2.96
C THR A 13 -6.72 8.94 -3.86
N LEU A 14 -7.26 8.01 -4.60
CA LEU A 14 -6.42 7.14 -5.48
C LEU A 14 -5.61 7.97 -6.47
N ILE A 15 -4.31 7.91 -6.37
CA ILE A 15 -3.46 8.68 -7.32
C ILE A 15 -2.73 7.68 -8.26
N LYS A 16 -3.40 6.59 -8.60
CA LYS A 16 -2.78 5.55 -9.50
C LYS A 16 -1.78 4.69 -8.73
N ALA A 17 -1.88 3.39 -8.89
CA ALA A 17 -0.94 2.45 -8.19
C ALA A 17 0.26 2.15 -9.10
N ILE A 18 1.43 2.41 -8.60
CA ILE A 18 2.67 2.16 -9.39
C ILE A 18 2.86 0.64 -9.58
N ASP A 19 2.98 -0.09 -8.50
CA ASP A 19 3.15 -1.57 -8.59
C ASP A 19 2.12 -2.25 -7.67
N GLY A 20 2.40 -3.45 -7.20
CA GLY A 20 1.43 -4.16 -6.31
C GLY A 20 1.19 -3.33 -5.04
N ASP A 21 2.05 -3.44 -4.06
CA ASP A 21 1.86 -2.65 -2.80
C ASP A 21 2.28 -1.19 -3.01
N THR A 22 3.06 -0.89 -4.02
CA THR A 22 3.49 0.52 -4.23
C THR A 22 2.29 1.30 -4.81
N VAL A 23 1.69 2.17 -4.03
CA VAL A 23 0.50 2.92 -4.55
C VAL A 23 0.55 4.40 -4.16
N LYS A 24 0.21 5.27 -5.08
CA LYS A 24 0.22 6.73 -4.78
C LYS A 24 -1.14 7.11 -4.18
N LEU A 25 -1.13 7.65 -2.98
CA LEU A 25 -2.41 8.03 -2.31
C LEU A 25 -2.21 9.21 -1.35
N MET A 26 -3.22 10.02 -1.17
CA MET A 26 -3.11 11.18 -0.23
C MET A 26 -4.03 10.91 0.96
N TYR A 27 -3.49 10.76 2.14
CA TYR A 27 -4.37 10.49 3.33
C TYR A 27 -4.83 11.82 3.95
N LYS A 28 -5.12 12.80 3.13
CA LYS A 28 -5.58 14.13 3.61
C LYS A 28 -4.55 14.70 4.59
N GLY A 29 -3.34 14.86 4.12
CA GLY A 29 -2.26 15.40 4.98
C GLY A 29 -0.91 15.28 4.27
N GLN A 30 -0.75 14.28 3.42
CA GLN A 30 0.54 14.11 2.69
C GLN A 30 0.34 13.23 1.45
N PRO A 31 0.14 13.86 0.31
CA PRO A 31 -0.06 13.15 -0.97
C PRO A 31 1.25 12.43 -1.35
N MET A 32 1.33 11.15 -1.07
CA MET A 32 2.60 10.39 -1.38
C MET A 32 2.27 8.96 -1.83
N THR A 33 3.29 8.19 -2.13
CA THR A 33 3.09 6.77 -2.56
C THR A 33 3.61 5.86 -1.43
N PHE A 34 2.92 4.80 -1.13
CA PHE A 34 3.40 3.91 -0.02
C PHE A 34 3.08 2.44 -0.31
N ARG A 35 3.49 1.58 0.60
CA ARG A 35 3.24 0.10 0.43
C ARG A 35 2.89 -0.52 1.79
N LEU A 36 2.75 -1.84 1.82
CA LEU A 36 2.46 -2.55 3.10
C LEU A 36 3.52 -2.13 4.11
N LEU A 37 4.75 -2.39 3.77
CA LEU A 37 5.91 -2.00 4.60
C LEU A 37 7.02 -1.64 3.61
N LEU A 38 6.63 -0.94 2.55
CA LEU A 38 7.56 -0.56 1.46
C LEU A 38 7.91 -1.85 0.68
N VAL A 39 6.91 -2.68 0.42
CA VAL A 39 7.11 -3.96 -0.34
C VAL A 39 8.07 -3.74 -1.52
N ASP A 40 9.34 -3.99 -1.30
CA ASP A 40 10.36 -3.80 -2.39
C ASP A 40 11.63 -4.60 -2.03
N THR A 41 11.51 -5.90 -1.95
CA THR A 41 12.69 -6.75 -1.61
C THR A 41 13.59 -6.95 -2.84
N PRO A 42 13.03 -7.47 -3.92
CA PRO A 42 13.81 -7.70 -5.16
C PRO A 42 14.33 -6.37 -5.72
N GLU A 43 15.63 -6.16 -5.67
CA GLU A 43 16.23 -4.90 -6.20
C GLU A 43 17.60 -5.20 -6.83
N THR A 44 17.76 -6.38 -7.37
CA THR A 44 19.07 -6.75 -8.02
C THR A 44 18.81 -7.79 -9.11
N LYS A 45 19.56 -7.76 -10.19
CA LYS A 45 19.36 -8.75 -11.28
C LYS A 45 20.04 -10.07 -10.89
N HIS A 46 19.27 -11.00 -10.36
CA HIS A 46 19.84 -12.32 -9.95
C HIS A 46 18.70 -13.36 -9.84
N PRO A 47 17.78 -13.14 -8.92
CA PRO A 47 16.64 -14.07 -8.72
C PRO A 47 15.77 -14.10 -9.99
N LYS A 48 15.71 -15.22 -10.66
CA LYS A 48 14.90 -15.35 -11.93
C LYS A 48 15.45 -14.40 -13.00
N LYS A 49 14.81 -14.34 -14.14
CA LYS A 49 15.28 -13.45 -15.24
C LYS A 49 14.76 -12.02 -15.00
N GLY A 50 15.63 -11.04 -15.12
CA GLY A 50 15.20 -9.62 -14.91
C GLY A 50 14.50 -9.10 -16.17
N VAL A 51 13.27 -8.65 -16.04
CA VAL A 51 12.51 -8.14 -17.21
C VAL A 51 11.89 -6.77 -16.85
N GLU A 52 10.98 -6.28 -17.65
CA GLU A 52 10.33 -4.96 -17.38
C GLU A 52 9.33 -5.11 -16.21
N LYS A 53 8.50 -4.11 -16.00
CA LYS A 53 7.50 -4.17 -14.89
C LYS A 53 6.64 -5.43 -15.03
N TYR A 54 6.55 -6.22 -13.98
CA TYR A 54 5.74 -7.47 -14.05
C TYR A 54 4.84 -7.57 -12.80
N GLY A 55 3.55 -7.46 -12.99
CA GLY A 55 2.61 -7.55 -11.83
C GLY A 55 2.37 -9.03 -11.47
N PRO A 56 1.95 -9.26 -10.25
CA PRO A 56 1.67 -10.63 -9.75
C PRO A 56 0.45 -11.24 -10.46
N GLU A 57 -0.12 -12.27 -9.89
CA GLU A 57 -1.32 -12.92 -10.50
C GLU A 57 -2.47 -12.91 -9.48
N ALA A 58 -2.29 -13.55 -8.35
CA ALA A 58 -3.35 -13.54 -7.30
C ALA A 58 -3.29 -12.21 -6.54
N SER A 59 -2.09 -11.75 -6.25
CA SER A 59 -1.93 -10.46 -5.53
C SER A 59 -2.28 -9.30 -6.47
N ALA A 60 -2.06 -9.47 -7.76
CA ALA A 60 -2.40 -8.38 -8.74
C ALA A 60 -3.89 -8.05 -8.64
N PHE A 61 -4.73 -9.06 -8.53
CA PHE A 61 -6.20 -8.82 -8.40
C PHE A 61 -6.50 -8.13 -7.07
N THR A 62 -5.66 -8.32 -6.08
CA THR A 62 -5.86 -7.67 -4.75
C THR A 62 -5.35 -6.22 -4.82
N LYS A 63 -4.28 -5.99 -5.56
CA LYS A 63 -3.71 -4.61 -5.66
C LYS A 63 -4.52 -3.75 -6.65
N LYS A 64 -5.47 -4.33 -7.36
CA LYS A 64 -6.29 -3.52 -8.30
C LYS A 64 -7.38 -2.79 -7.51
N MET A 65 -7.70 -3.28 -6.32
CA MET A 65 -8.74 -2.61 -5.47
C MET A 65 -8.35 -1.15 -5.26
N LEU A 66 -7.07 -0.84 -5.34
CA LEU A 66 -6.59 0.56 -5.16
C LEU A 66 -6.76 1.33 -6.48
N GLU A 67 -6.90 0.64 -7.59
CA GLU A 67 -7.07 1.32 -8.90
C GLU A 67 -8.53 1.75 -9.05
N ASN A 68 -9.43 1.02 -8.44
CA ASN A 68 -10.89 1.37 -8.53
C ASN A 68 -11.46 1.67 -7.13
N ALA A 69 -10.61 1.94 -6.16
CA ALA A 69 -11.08 2.25 -4.78
C ALA A 69 -11.50 3.73 -4.70
N LYS A 70 -12.63 4.00 -4.08
CA LYS A 70 -13.13 5.41 -3.96
C LYS A 70 -12.88 5.93 -2.54
N LYS A 71 -13.37 5.23 -1.55
CA LYS A 71 -13.16 5.66 -0.12
C LYS A 71 -11.95 4.88 0.40
N ILE A 72 -10.78 5.47 0.34
CA ILE A 72 -9.55 4.77 0.77
C ILE A 72 -9.34 4.92 2.25
N GLU A 73 -9.77 3.95 2.97
CA GLU A 73 -9.58 3.97 4.45
C GLU A 73 -8.13 3.56 4.71
N VAL A 74 -7.19 4.42 4.32
CA VAL A 74 -5.74 4.10 4.50
C VAL A 74 -5.51 3.65 5.94
N GLU A 75 -5.27 2.37 6.13
CA GLU A 75 -5.05 1.84 7.49
C GLU A 75 -3.57 2.01 7.87
N PHE A 76 -3.17 3.23 8.12
CA PHE A 76 -1.75 3.50 8.52
C PHE A 76 -1.72 4.33 9.81
N ASP A 77 -2.80 4.29 10.57
CA ASP A 77 -2.90 5.04 11.88
C ASP A 77 -2.36 6.48 11.73
N LYS A 78 -1.94 7.08 12.82
CA LYS A 78 -1.42 8.48 12.75
C LYS A 78 -0.24 8.56 11.78
N GLY A 79 0.63 7.57 11.79
CA GLY A 79 1.80 7.57 10.86
C GLY A 79 2.87 6.63 11.40
N GLN A 80 3.47 5.85 10.53
CA GLN A 80 4.55 4.90 10.99
C GLN A 80 5.80 5.70 11.31
N ARG A 81 6.30 6.46 10.35
CA ARG A 81 7.52 7.30 10.58
C ARG A 81 8.68 6.39 11.03
N THR A 82 8.80 5.23 10.43
CA THR A 82 9.88 4.26 10.79
C THR A 82 10.66 3.89 9.51
N ASP A 83 10.90 2.61 9.25
CA ASP A 83 11.64 2.17 8.02
C ASP A 83 12.80 3.12 7.70
N LYS A 84 13.10 3.33 6.43
CA LYS A 84 14.20 4.26 6.04
C LYS A 84 13.67 5.69 6.12
N TYR A 85 12.52 5.93 5.53
CA TYR A 85 11.91 7.29 5.57
C TYR A 85 10.72 7.27 6.56
N GLY A 86 10.09 6.14 6.71
CA GLY A 86 8.92 6.02 7.64
C GLY A 86 7.72 6.69 6.99
N ARG A 87 7.46 6.37 5.74
CA ARG A 87 6.31 6.97 5.02
C ARG A 87 5.01 6.32 5.50
N VAL A 88 4.04 6.17 4.62
CA VAL A 88 2.75 5.54 5.01
C VAL A 88 2.88 4.02 4.82
N LEU A 89 3.87 3.41 5.45
CA LEU A 89 4.06 1.94 5.31
C LEU A 89 3.00 1.20 6.13
N ALA A 90 1.82 1.10 5.60
CA ALA A 90 0.72 0.39 6.32
C ALA A 90 -0.17 -0.32 5.28
N TYR A 91 -1.36 0.17 5.00
CA TYR A 91 -2.20 -0.52 3.96
C TYR A 91 -3.32 0.38 3.42
N ILE A 92 -3.94 -0.07 2.35
CA ILE A 92 -5.03 0.71 1.69
C ILE A 92 -6.24 -0.20 1.44
N TYR A 93 -7.40 0.14 1.96
CA TYR A 93 -8.61 -0.71 1.72
C TYR A 93 -9.79 0.17 1.34
N ALA A 94 -9.86 0.60 0.11
CA ALA A 94 -11.02 1.44 -0.30
C ALA A 94 -12.00 0.55 -1.03
N ASP A 95 -13.09 0.21 -0.38
CA ASP A 95 -14.11 -0.70 -1.02
C ASP A 95 -13.45 -2.08 -1.30
N GLY A 96 -12.26 -2.30 -0.79
CA GLY A 96 -11.55 -3.58 -1.01
C GLY A 96 -11.50 -4.34 0.29
N LYS A 97 -10.89 -3.74 1.29
CA LYS A 97 -10.72 -4.41 2.62
C LYS A 97 -10.43 -5.90 2.36
N MET A 98 -9.64 -6.13 1.33
CA MET A 98 -9.27 -7.52 0.89
C MET A 98 -7.76 -7.65 0.96
N VAL A 99 -7.05 -6.63 0.50
CA VAL A 99 -5.56 -6.64 0.56
C VAL A 99 -5.17 -6.85 2.02
N ASN A 100 -6.03 -6.47 2.94
CA ASN A 100 -5.73 -6.65 4.40
C ASN A 100 -5.33 -8.10 4.68
N GLU A 101 -5.90 -9.05 3.97
CA GLU A 101 -5.56 -10.49 4.18
C GLU A 101 -4.18 -10.78 3.59
N ALA A 102 -3.85 -10.17 2.46
CA ALA A 102 -2.53 -10.41 1.82
C ALA A 102 -1.39 -10.01 2.78
N LEU A 103 -0.45 -10.90 2.98
CA LEU A 103 0.69 -10.59 3.91
C LEU A 103 2.03 -10.92 3.21
N ALA A 1 -2.44 9.56 17.72
CA ALA A 1 -2.53 8.07 17.73
C ALA A 1 -2.05 7.53 19.07
N THR A 2 -2.71 6.51 19.58
CA THR A 2 -2.30 5.91 20.90
C THR A 2 -1.07 5.00 20.71
N SER A 3 -0.54 4.47 21.79
CA SER A 3 0.64 3.57 21.68
C SER A 3 0.18 2.09 21.68
N THR A 4 -1.01 1.84 21.17
CA THR A 4 -1.53 0.44 21.12
C THR A 4 -2.26 0.19 19.78
N LYS A 5 -2.06 1.06 18.80
CA LYS A 5 -2.74 0.87 17.48
C LYS A 5 -1.96 -0.14 16.63
N LYS A 6 -2.44 -0.39 15.44
CA LYS A 6 -1.78 -1.39 14.53
C LYS A 6 -2.50 -1.41 13.16
N LEU A 7 -3.80 -1.23 13.16
CA LEU A 7 -4.57 -1.24 11.89
C LEU A 7 -5.69 -0.18 12.00
N HIS A 8 -5.40 1.04 11.61
CA HIS A 8 -6.41 2.15 11.71
C HIS A 8 -7.23 2.23 10.41
N LYS A 9 -7.87 3.37 10.17
CA LYS A 9 -8.70 3.54 8.94
C LYS A 9 -9.06 5.02 8.77
N GLU A 10 -8.85 5.57 7.60
CA GLU A 10 -9.17 7.01 7.35
C GLU A 10 -9.29 7.20 5.83
N PRO A 11 -10.36 7.83 5.39
CA PRO A 11 -10.62 8.07 3.96
C PRO A 11 -9.40 8.66 3.25
N ALA A 12 -9.17 8.20 2.04
CA ALA A 12 -8.02 8.68 1.23
C ALA A 12 -8.54 9.04 -0.18
N THR A 13 -7.69 8.98 -1.19
CA THR A 13 -8.14 9.31 -2.57
C THR A 13 -7.24 8.59 -3.58
N LEU A 14 -7.83 7.87 -4.49
CA LEU A 14 -7.04 7.13 -5.52
C LEU A 14 -6.14 8.13 -6.27
N ILE A 15 -4.85 7.98 -6.15
CA ILE A 15 -3.93 8.90 -6.87
C ILE A 15 -2.89 8.10 -7.69
N LYS A 16 -3.30 6.94 -8.19
CA LYS A 16 -2.41 6.05 -9.04
C LYS A 16 -1.71 5.00 -8.17
N ALA A 17 -1.02 4.08 -8.81
CA ALA A 17 -0.30 3.00 -8.07
C ALA A 17 1.01 2.69 -8.78
N ILE A 18 2.05 2.47 -8.02
CA ILE A 18 3.39 2.17 -8.61
C ILE A 18 3.35 0.81 -9.31
N ASP A 19 3.12 -0.25 -8.58
CA ASP A 19 3.07 -1.62 -9.19
C ASP A 19 2.61 -2.63 -8.12
N GLY A 20 3.00 -3.88 -8.24
CA GLY A 20 2.61 -4.90 -7.23
C GLY A 20 3.57 -4.86 -6.03
N ASP A 21 3.96 -3.67 -5.61
CA ASP A 21 4.91 -3.54 -4.45
C ASP A 21 4.52 -2.30 -3.64
N THR A 22 4.32 -1.18 -4.30
CA THR A 22 3.94 0.07 -3.60
C THR A 22 2.65 0.64 -4.23
N VAL A 23 2.10 1.70 -3.68
CA VAL A 23 0.84 2.30 -4.23
C VAL A 23 0.85 3.82 -3.99
N LYS A 24 0.05 4.57 -4.72
CA LYS A 24 0.02 6.05 -4.49
C LYS A 24 -1.28 6.38 -3.74
N LEU A 25 -1.16 7.05 -2.62
CA LEU A 25 -2.38 7.39 -1.82
C LEU A 25 -2.23 8.77 -1.16
N MET A 26 -3.25 9.59 -1.27
CA MET A 26 -3.21 10.95 -0.65
C MET A 26 -4.27 10.99 0.46
N TYR A 27 -3.87 10.72 1.69
CA TYR A 27 -4.85 10.71 2.82
C TYR A 27 -4.86 12.07 3.54
N LYS A 28 -3.73 12.71 3.67
CA LYS A 28 -3.70 14.04 4.38
C LYS A 28 -3.44 15.17 3.39
N GLY A 29 -3.86 15.01 2.16
CA GLY A 29 -3.66 16.07 1.14
C GLY A 29 -2.30 15.93 0.46
N GLN A 30 -1.43 15.06 0.95
CA GLN A 30 -0.10 14.90 0.31
C GLN A 30 0.03 13.52 -0.36
N PRO A 31 0.19 13.52 -1.66
CA PRO A 31 0.33 12.28 -2.46
C PRO A 31 1.69 11.62 -2.14
N MET A 32 1.67 10.41 -1.64
CA MET A 32 2.95 9.72 -1.28
C MET A 32 3.00 8.32 -1.92
N THR A 33 3.80 7.43 -1.36
CA THR A 33 3.91 6.06 -1.91
C THR A 33 3.65 5.07 -0.76
N PHE A 34 2.44 4.60 -0.69
CA PHE A 34 2.05 3.65 0.41
C PHE A 34 2.51 2.24 0.06
N ARG A 35 2.76 1.41 1.05
CA ARG A 35 3.22 0.03 0.77
C ARG A 35 2.03 -0.84 0.39
N LEU A 36 2.03 -1.38 -0.81
CA LEU A 36 0.93 -2.28 -1.26
C LEU A 36 0.94 -3.50 -0.31
N LEU A 37 2.12 -3.90 0.07
CA LEU A 37 2.32 -5.04 1.00
C LEU A 37 3.75 -4.90 1.57
N LEU A 38 4.22 -3.67 1.68
CA LEU A 38 5.61 -3.38 2.16
C LEU A 38 6.63 -4.10 1.27
N VAL A 39 6.22 -4.49 0.09
CA VAL A 39 7.12 -5.19 -0.86
C VAL A 39 8.21 -4.21 -1.32
N ASP A 40 9.37 -4.27 -0.71
CA ASP A 40 10.49 -3.35 -1.10
C ASP A 40 11.82 -3.94 -0.66
N THR A 41 12.01 -5.22 -0.83
CA THR A 41 13.28 -5.89 -0.43
C THR A 41 14.00 -6.40 -1.68
N PRO A 42 15.09 -5.72 -2.04
CA PRO A 42 15.90 -6.08 -3.22
C PRO A 42 16.53 -7.47 -3.03
N GLU A 43 17.22 -7.97 -4.02
CA GLU A 43 17.86 -9.31 -3.91
C GLU A 43 18.99 -9.44 -4.95
N THR A 44 20.03 -10.15 -4.61
CA THR A 44 21.18 -10.33 -5.55
C THR A 44 20.98 -11.62 -6.37
N LYS A 45 21.46 -11.64 -7.59
CA LYS A 45 21.31 -12.86 -8.45
C LYS A 45 22.43 -12.90 -9.49
N HIS A 46 22.60 -14.03 -10.15
CA HIS A 46 23.66 -14.15 -11.20
C HIS A 46 23.17 -13.51 -12.52
N PRO A 47 24.10 -13.18 -13.38
CA PRO A 47 23.79 -12.57 -14.69
C PRO A 47 22.90 -13.49 -15.52
N LYS A 48 21.67 -13.08 -15.77
CA LYS A 48 20.72 -13.91 -16.57
C LYS A 48 19.60 -13.04 -17.14
N LYS A 49 18.93 -13.49 -18.17
CA LYS A 49 17.83 -12.69 -18.78
C LYS A 49 16.65 -12.61 -17.78
N GLY A 50 15.97 -11.49 -17.73
CA GLY A 50 14.82 -11.33 -16.79
C GLY A 50 13.49 -11.62 -17.51
N VAL A 51 12.45 -10.94 -17.12
CA VAL A 51 11.12 -11.15 -17.76
C VAL A 51 10.23 -9.93 -17.50
N GLU A 52 9.46 -9.52 -18.49
CA GLU A 52 8.56 -8.33 -18.31
C GLU A 52 7.52 -8.63 -17.23
N LYS A 53 7.43 -7.78 -16.23
CA LYS A 53 6.43 -8.00 -15.14
C LYS A 53 5.71 -6.68 -14.82
N TYR A 54 4.41 -6.74 -14.69
CA TYR A 54 3.62 -5.50 -14.38
C TYR A 54 2.60 -5.81 -13.27
N GLY A 55 1.76 -6.79 -13.47
CA GLY A 55 0.74 -7.14 -12.44
C GLY A 55 0.85 -8.64 -12.10
N PRO A 56 1.06 -8.93 -10.84
CA PRO A 56 1.19 -10.32 -10.34
C PRO A 56 -0.12 -11.11 -10.53
N GLU A 57 -0.35 -12.12 -9.72
CA GLU A 57 -1.60 -12.94 -9.84
C GLU A 57 -2.39 -12.82 -8.53
N ALA A 58 -1.83 -13.26 -7.43
CA ALA A 58 -2.54 -13.16 -6.12
C ALA A 58 -2.36 -11.76 -5.56
N SER A 59 -1.13 -11.28 -5.54
CA SER A 59 -0.86 -9.90 -5.02
C SER A 59 -1.41 -8.86 -6.03
N ALA A 60 -1.64 -9.26 -7.27
CA ALA A 60 -2.19 -8.31 -8.28
C ALA A 60 -3.54 -7.78 -7.80
N PHE A 61 -4.30 -8.58 -7.10
CA PHE A 61 -5.63 -8.11 -6.57
C PHE A 61 -5.40 -6.92 -5.65
N THR A 62 -4.35 -6.98 -4.85
CA THR A 62 -4.02 -5.85 -3.93
C THR A 62 -3.52 -4.66 -4.77
N LYS A 63 -2.90 -4.93 -5.90
CA LYS A 63 -2.42 -3.82 -6.79
C LYS A 63 -3.64 -2.95 -7.15
N LYS A 64 -4.78 -3.59 -7.32
CA LYS A 64 -6.03 -2.85 -7.62
C LYS A 64 -6.56 -2.32 -6.29
N MET A 65 -7.86 -2.40 -6.03
CA MET A 65 -8.42 -1.89 -4.73
C MET A 65 -8.28 -0.37 -4.69
N LEU A 66 -7.08 0.14 -4.72
CA LEU A 66 -6.84 1.60 -4.70
C LEU A 66 -6.89 2.14 -6.14
N GLU A 67 -6.72 1.30 -7.15
CA GLU A 67 -6.75 1.80 -8.56
C GLU A 67 -8.20 2.00 -9.05
N ASN A 68 -9.19 1.63 -8.26
CA ASN A 68 -10.61 1.79 -8.72
C ASN A 68 -11.49 2.41 -7.61
N ALA A 69 -11.25 2.08 -6.36
CA ALA A 69 -12.09 2.64 -5.25
C ALA A 69 -11.89 4.16 -5.12
N LYS A 70 -12.93 4.85 -4.72
CA LYS A 70 -12.84 6.34 -4.55
C LYS A 70 -12.61 6.64 -3.06
N LYS A 71 -13.41 6.06 -2.21
CA LYS A 71 -13.23 6.26 -0.74
C LYS A 71 -12.22 5.23 -0.25
N ILE A 72 -11.33 5.58 0.65
CA ILE A 72 -10.33 4.58 1.09
C ILE A 72 -9.95 4.80 2.56
N GLU A 73 -10.23 3.82 3.37
CA GLU A 73 -9.86 3.91 4.81
C GLU A 73 -8.42 3.40 4.97
N VAL A 74 -7.45 4.24 4.65
CA VAL A 74 -6.01 3.82 4.78
C VAL A 74 -5.77 3.21 6.16
N GLU A 75 -5.46 1.93 6.20
CA GLU A 75 -5.20 1.24 7.49
C GLU A 75 -3.69 1.04 7.64
N PHE A 76 -3.03 1.87 8.42
CA PHE A 76 -1.55 1.72 8.58
C PHE A 76 -1.10 1.97 10.03
N ASP A 77 -1.70 1.27 10.97
CA ASP A 77 -1.35 1.38 12.43
C ASP A 77 -1.17 2.84 12.89
N LYS A 78 -0.78 3.02 14.13
CA LYS A 78 -0.58 4.40 14.69
C LYS A 78 0.63 5.08 14.02
N GLY A 79 0.39 5.88 13.00
CA GLY A 79 1.53 6.57 12.31
C GLY A 79 2.14 5.65 11.25
N GLN A 80 2.84 6.24 10.32
CA GLN A 80 3.50 5.44 9.23
C GLN A 80 4.68 4.63 9.80
N ARG A 81 5.34 5.16 10.82
CA ARG A 81 6.51 4.45 11.46
C ARG A 81 7.80 4.73 10.68
N THR A 82 7.76 4.68 9.37
CA THR A 82 9.00 4.95 8.56
C THR A 82 9.02 6.43 8.13
N ASP A 83 8.54 6.73 6.94
CA ASP A 83 8.54 8.15 6.44
C ASP A 83 9.98 8.67 6.24
N LYS A 84 10.98 7.81 6.38
CA LYS A 84 12.40 8.25 6.18
C LYS A 84 13.17 7.17 5.41
N TYR A 85 12.45 6.32 4.70
CA TYR A 85 13.08 5.22 3.90
C TYR A 85 11.99 4.20 3.57
N GLY A 86 11.16 3.88 4.53
CA GLY A 86 10.06 2.90 4.30
C GLY A 86 8.85 3.59 3.66
N ARG A 87 9.00 4.84 3.24
CA ARG A 87 7.87 5.58 2.62
C ARG A 87 6.68 5.60 3.57
N VAL A 88 5.50 5.55 3.03
CA VAL A 88 4.27 5.55 3.83
C VAL A 88 3.83 4.09 4.04
N LEU A 89 4.52 3.35 4.87
CA LEU A 89 4.13 1.93 5.12
C LEU A 89 2.66 1.93 5.55
N ALA A 90 1.77 1.66 4.62
CA ALA A 90 0.32 1.71 4.94
C ALA A 90 -0.50 0.92 3.91
N TYR A 91 -1.49 0.19 4.37
CA TYR A 91 -2.37 -0.57 3.42
C TYR A 91 -3.40 0.42 2.87
N ILE A 92 -4.16 0.03 1.87
CA ILE A 92 -5.17 0.98 1.30
C ILE A 92 -6.49 0.24 1.17
N TYR A 93 -7.46 0.58 1.97
CA TYR A 93 -8.76 -0.15 1.92
C TYR A 93 -9.90 0.74 1.44
N ALA A 94 -10.96 0.12 0.96
CA ALA A 94 -12.13 0.87 0.47
C ALA A 94 -13.39 0.00 0.66
N ASP A 95 -14.34 0.10 -0.24
CA ASP A 95 -15.59 -0.70 -0.14
C ASP A 95 -15.27 -2.21 -0.23
N GLY A 96 -15.04 -2.85 0.88
CA GLY A 96 -14.70 -4.32 0.88
C GLY A 96 -13.29 -4.49 0.33
N LYS A 97 -12.50 -3.46 0.43
CA LYS A 97 -11.11 -3.55 -0.07
C LYS A 97 -10.17 -3.57 1.11
N MET A 98 -10.30 -4.55 1.97
CA MET A 98 -9.37 -4.67 3.11
C MET A 98 -8.26 -5.58 2.62
N VAL A 99 -8.04 -5.57 1.31
CA VAL A 99 -7.02 -6.43 0.70
C VAL A 99 -7.37 -7.90 1.02
N ASN A 100 -8.66 -8.14 1.29
CA ASN A 100 -9.11 -9.53 1.60
C ASN A 100 -9.32 -10.36 0.32
N GLU A 101 -8.95 -9.84 -0.83
CA GLU A 101 -9.14 -10.60 -2.11
C GLU A 101 -8.45 -11.96 -2.01
N ALA A 102 -7.23 -12.00 -1.49
CA ALA A 102 -6.50 -13.29 -1.37
C ALA A 102 -7.10 -14.11 -0.21
N LEU A 103 -7.56 -15.30 -0.50
CA LEU A 103 -8.18 -16.16 0.56
C LEU A 103 -7.50 -17.55 0.56
N ALA A 1 -0.39 -4.02 23.92
CA ALA A 1 -0.61 -3.28 22.64
C ALA A 1 -1.53 -2.07 22.89
N THR A 2 -1.19 -0.92 22.35
CA THR A 2 -2.03 0.29 22.54
C THR A 2 -2.18 1.06 21.22
N SER A 3 -1.09 1.52 20.65
CA SER A 3 -1.16 2.26 19.37
C SER A 3 0.11 1.99 18.55
N THR A 4 0.35 0.75 18.20
CA THR A 4 1.56 0.39 17.40
C THR A 4 1.15 -0.54 16.25
N LYS A 5 1.10 -0.03 15.04
CA LYS A 5 0.71 -0.86 13.85
C LYS A 5 -0.69 -1.46 14.08
N LYS A 6 -1.60 -0.68 14.62
CA LYS A 6 -2.99 -1.18 14.87
C LYS A 6 -3.83 -1.11 13.59
N LEU A 7 -3.42 -0.27 12.65
CA LEU A 7 -4.17 -0.11 11.37
C LEU A 7 -5.53 0.58 11.64
N HIS A 8 -5.52 1.90 11.69
CA HIS A 8 -6.77 2.66 11.96
C HIS A 8 -7.58 2.76 10.65
N LYS A 9 -8.18 3.89 10.35
CA LYS A 9 -8.99 4.02 9.09
C LYS A 9 -9.21 5.51 8.76
N GLU A 10 -9.02 5.88 7.52
CA GLU A 10 -9.21 7.30 7.10
C GLU A 10 -9.34 7.33 5.58
N PRO A 11 -10.40 7.94 5.08
CA PRO A 11 -10.62 8.03 3.63
C PRO A 11 -9.39 8.62 2.91
N ALA A 12 -9.18 8.21 1.69
CA ALA A 12 -8.02 8.72 0.91
C ALA A 12 -8.46 9.04 -0.53
N THR A 13 -7.54 9.03 -1.47
CA THR A 13 -7.91 9.34 -2.89
C THR A 13 -6.97 8.56 -3.81
N LEU A 14 -7.52 7.82 -4.74
CA LEU A 14 -6.67 7.02 -5.66
C LEU A 14 -5.84 7.96 -6.56
N ILE A 15 -4.54 7.92 -6.41
CA ILE A 15 -3.68 8.80 -7.26
C ILE A 15 -2.77 7.93 -8.15
N LYS A 16 -3.32 6.87 -8.71
CA LYS A 16 -2.56 5.96 -9.64
C LYS A 16 -1.69 4.96 -8.85
N ALA A 17 -1.70 3.72 -9.26
CA ALA A 17 -0.87 2.67 -8.58
C ALA A 17 0.52 2.59 -9.25
N ILE A 18 1.31 1.62 -8.88
CA ILE A 18 2.69 1.50 -9.47
C ILE A 18 3.05 0.02 -9.68
N ASP A 19 3.05 -0.78 -8.63
CA ASP A 19 3.41 -2.23 -8.76
C ASP A 19 2.53 -3.08 -7.82
N GLY A 20 3.04 -4.19 -7.33
CA GLY A 20 2.24 -5.07 -6.41
C GLY A 20 1.67 -4.23 -5.25
N ASP A 21 2.45 -4.02 -4.21
CA ASP A 21 1.96 -3.18 -3.07
C ASP A 21 2.36 -1.72 -3.32
N THR A 22 3.09 -1.46 -4.38
CA THR A 22 3.51 -0.06 -4.67
C THR A 22 2.33 0.70 -5.30
N VAL A 23 1.72 1.60 -4.57
CA VAL A 23 0.56 2.37 -5.11
C VAL A 23 0.55 3.78 -4.54
N LYS A 24 -0.01 4.72 -5.27
CA LYS A 24 -0.06 6.12 -4.78
C LYS A 24 -1.43 6.39 -4.14
N LEU A 25 -1.46 7.12 -3.05
CA LEU A 25 -2.76 7.42 -2.38
C LEU A 25 -2.61 8.67 -1.51
N MET A 26 -3.41 9.69 -1.76
CA MET A 26 -3.32 10.96 -0.95
C MET A 26 -4.38 10.93 0.16
N TYR A 27 -3.97 10.59 1.36
CA TYR A 27 -4.93 10.54 2.49
C TYR A 27 -4.77 11.81 3.35
N LYS A 28 -3.57 12.33 3.45
CA LYS A 28 -3.35 13.56 4.26
C LYS A 28 -2.87 14.70 3.35
N GLY A 29 -3.32 14.69 2.12
CA GLY A 29 -2.92 15.76 1.16
C GLY A 29 -1.46 15.56 0.70
N GLN A 30 -0.83 14.46 1.08
CA GLN A 30 0.58 14.23 0.65
C GLN A 30 0.65 13.01 -0.30
N PRO A 31 1.30 13.19 -1.42
CA PRO A 31 1.47 12.12 -2.43
C PRO A 31 2.42 11.05 -1.89
N MET A 32 1.93 9.84 -1.69
CA MET A 32 2.82 8.75 -1.14
C MET A 32 2.82 7.52 -2.06
N THR A 33 3.72 6.60 -1.79
CA THR A 33 3.81 5.34 -2.59
C THR A 33 3.73 4.17 -1.61
N PHE A 34 2.55 3.90 -1.11
CA PHE A 34 2.32 2.81 -0.11
C PHE A 34 3.19 1.58 -0.36
N ARG A 35 3.86 1.09 0.66
CA ARG A 35 4.70 -0.12 0.50
C ARG A 35 4.65 -0.97 1.78
N LEU A 36 3.69 -0.76 2.67
CA LEU A 36 3.59 -1.58 3.95
C LEU A 36 4.99 -2.02 4.39
N LEU A 37 5.34 -3.28 4.18
CA LEU A 37 6.71 -3.75 4.51
C LEU A 37 7.56 -3.22 3.36
N LEU A 38 7.17 -3.60 2.14
CA LEU A 38 7.81 -3.11 0.87
C LEU A 38 7.92 -4.24 -0.17
N VAL A 39 6.83 -4.51 -0.87
CA VAL A 39 6.80 -5.58 -1.92
C VAL A 39 8.11 -5.61 -2.74
N ASP A 40 8.55 -4.50 -3.28
CA ASP A 40 9.82 -4.50 -4.08
C ASP A 40 10.42 -3.08 -4.15
N THR A 41 10.86 -2.56 -3.03
CA THR A 41 11.46 -1.20 -2.99
C THR A 41 12.97 -1.29 -3.32
N PRO A 42 13.35 -0.73 -4.45
CA PRO A 42 14.76 -0.73 -4.88
C PRO A 42 15.59 0.21 -3.99
N GLU A 43 16.68 -0.28 -3.43
CA GLU A 43 17.51 0.58 -2.55
C GLU A 43 18.80 0.98 -3.28
N THR A 44 19.83 1.35 -2.55
CA THR A 44 21.12 1.76 -3.20
C THR A 44 22.24 0.80 -2.76
N LYS A 45 22.30 -0.37 -3.35
CA LYS A 45 23.36 -1.36 -2.98
C LYS A 45 23.64 -2.27 -4.19
N HIS A 46 22.73 -3.17 -4.49
CA HIS A 46 22.94 -4.09 -5.65
C HIS A 46 21.58 -4.35 -6.33
N PRO A 47 21.20 -3.44 -7.20
CA PRO A 47 19.93 -3.54 -7.96
C PRO A 47 19.93 -4.77 -8.86
N LYS A 48 18.85 -5.51 -8.88
CA LYS A 48 18.78 -6.74 -9.73
C LYS A 48 18.58 -6.33 -11.20
N LYS A 49 19.43 -6.81 -12.08
CA LYS A 49 19.31 -6.45 -13.53
C LYS A 49 18.89 -7.70 -14.34
N GLY A 50 18.47 -7.50 -15.57
CA GLY A 50 18.04 -8.64 -16.42
C GLY A 50 16.87 -8.21 -17.32
N VAL A 51 15.74 -8.86 -17.19
CA VAL A 51 14.55 -8.49 -18.03
C VAL A 51 13.28 -8.48 -17.16
N GLU A 52 13.42 -8.18 -15.90
CA GLU A 52 12.24 -8.14 -14.98
C GLU A 52 11.34 -6.95 -15.34
N LYS A 53 10.13 -7.23 -15.76
CA LYS A 53 9.18 -6.13 -16.15
C LYS A 53 7.73 -6.66 -16.11
N TYR A 54 7.40 -7.42 -15.09
CA TYR A 54 6.00 -7.96 -14.99
C TYR A 54 5.09 -6.89 -14.39
N GLY A 55 5.52 -6.22 -13.34
CA GLY A 55 4.67 -5.16 -12.69
C GLY A 55 3.54 -5.80 -11.87
N PRO A 56 2.32 -5.62 -12.33
CA PRO A 56 1.13 -6.17 -11.65
C PRO A 56 1.26 -7.69 -11.44
N GLU A 57 1.16 -8.46 -12.50
CA GLU A 57 1.27 -9.96 -12.42
C GLU A 57 0.49 -10.50 -11.20
N ALA A 58 -0.74 -10.04 -11.03
CA ALA A 58 -1.61 -10.50 -9.88
C ALA A 58 -1.21 -9.79 -8.56
N SER A 59 -0.05 -9.17 -8.51
CA SER A 59 0.39 -8.47 -7.27
C SER A 59 -0.29 -7.10 -7.21
N ALA A 60 -0.23 -6.34 -8.28
CA ALA A 60 -0.89 -4.98 -8.30
C ALA A 60 -2.41 -5.15 -8.19
N PHE A 61 -2.93 -6.27 -8.65
CA PHE A 61 -4.41 -6.50 -8.57
C PHE A 61 -4.86 -6.44 -7.10
N THR A 62 -3.95 -6.68 -6.17
CA THR A 62 -4.30 -6.63 -4.72
C THR A 62 -4.42 -5.16 -4.29
N LYS A 63 -3.41 -4.36 -4.55
CA LYS A 63 -3.45 -2.92 -4.15
C LYS A 63 -4.22 -2.06 -5.16
N LYS A 64 -4.61 -2.58 -6.30
CA LYS A 64 -5.37 -1.75 -7.29
C LYS A 64 -6.79 -1.51 -6.76
N MET A 65 -7.22 -2.25 -5.77
CA MET A 65 -8.58 -2.05 -5.20
C MET A 65 -8.73 -0.59 -4.78
N LEU A 66 -7.66 0.04 -4.35
CA LEU A 66 -7.72 1.48 -3.94
C LEU A 66 -7.60 2.38 -5.17
N GLU A 67 -7.19 1.85 -6.30
CA GLU A 67 -7.07 2.67 -7.54
C GLU A 67 -8.45 2.84 -8.18
N ASN A 68 -9.25 1.82 -8.09
CA ASN A 68 -10.63 1.87 -8.69
C ASN A 68 -11.70 2.12 -7.61
N ALA A 69 -11.33 2.06 -6.35
CA ALA A 69 -12.34 2.30 -5.25
C ALA A 69 -12.60 3.80 -5.08
N LYS A 70 -13.67 4.13 -4.39
CA LYS A 70 -14.00 5.56 -4.15
C LYS A 70 -13.90 5.82 -2.65
N LYS A 71 -14.45 4.93 -1.85
CA LYS A 71 -14.38 5.09 -0.37
C LYS A 71 -13.14 4.33 0.11
N ILE A 72 -12.30 4.96 0.90
CA ILE A 72 -11.07 4.27 1.38
C ILE A 72 -10.93 4.46 2.88
N GLU A 73 -10.03 3.73 3.48
CA GLU A 73 -9.80 3.86 4.93
C GLU A 73 -8.34 3.48 5.18
N VAL A 74 -7.43 4.36 4.81
CA VAL A 74 -5.96 4.05 5.00
C VAL A 74 -5.73 3.61 6.43
N GLU A 75 -5.55 2.33 6.62
CA GLU A 75 -5.32 1.79 7.99
C GLU A 75 -3.81 1.81 8.25
N PHE A 76 -3.32 2.87 8.87
CA PHE A 76 -1.86 2.98 9.15
C PHE A 76 -1.64 3.45 10.61
N ASP A 77 -2.23 2.75 11.53
CA ASP A 77 -2.11 3.11 12.98
C ASP A 77 -2.74 4.48 13.23
N LYS A 78 -2.91 4.87 14.47
CA LYS A 78 -3.50 6.21 14.78
C LYS A 78 -2.70 7.31 14.05
N GLY A 79 -1.45 7.04 13.76
CA GLY A 79 -0.60 8.03 13.04
C GLY A 79 0.84 7.48 12.97
N GLN A 80 1.25 6.97 11.83
CA GLN A 80 2.63 6.43 11.70
C GLN A 80 3.60 7.60 11.60
N ARG A 81 4.82 7.36 11.19
CA ARG A 81 5.79 8.47 11.11
C ARG A 81 6.66 8.37 9.85
N THR A 82 6.25 7.60 8.87
CA THR A 82 7.03 7.49 7.61
C THR A 82 6.37 8.39 6.56
N ASP A 83 7.13 9.23 5.95
CA ASP A 83 6.57 10.16 4.92
C ASP A 83 7.72 10.81 4.14
N LYS A 84 8.61 10.00 3.65
CA LYS A 84 9.78 10.50 2.86
C LYS A 84 10.33 9.31 2.05
N TYR A 85 10.62 8.24 2.73
CA TYR A 85 11.14 7.01 2.06
C TYR A 85 10.15 5.86 2.32
N GLY A 86 9.52 5.85 3.48
CA GLY A 86 8.56 4.76 3.83
C GLY A 86 7.11 5.25 3.69
N ARG A 87 6.89 6.55 3.66
CA ARG A 87 5.49 7.09 3.55
C ARG A 87 4.53 6.28 4.42
N VAL A 88 3.35 6.01 3.97
CA VAL A 88 2.39 5.24 4.81
C VAL A 88 2.75 3.75 4.76
N LEU A 89 3.57 3.31 5.67
CA LEU A 89 3.98 1.87 5.71
C LEU A 89 2.90 1.03 6.40
N ALA A 90 1.73 0.97 5.82
CA ALA A 90 0.63 0.17 6.43
C ALA A 90 -0.21 -0.48 5.31
N TYR A 91 -1.43 -0.05 5.13
CA TYR A 91 -2.28 -0.66 4.05
C TYR A 91 -3.47 0.22 3.69
N ILE A 92 -4.00 0.02 2.51
CA ILE A 92 -5.19 0.81 2.05
C ILE A 92 -6.42 -0.07 2.21
N TYR A 93 -7.54 0.51 2.55
CA TYR A 93 -8.76 -0.31 2.74
C TYR A 93 -9.97 0.35 2.03
N ALA A 94 -9.98 0.29 0.72
CA ALA A 94 -11.09 0.88 -0.05
C ALA A 94 -11.89 -0.21 -0.80
N ASP A 95 -13.19 -0.24 -0.58
CA ASP A 95 -14.09 -1.23 -1.26
C ASP A 95 -13.54 -2.67 -1.20
N GLY A 96 -13.68 -3.32 -0.06
CA GLY A 96 -13.19 -4.73 0.07
C GLY A 96 -11.71 -4.79 -0.25
N LYS A 97 -10.98 -3.78 0.11
CA LYS A 97 -9.55 -3.78 -0.19
C LYS A 97 -8.88 -4.71 0.83
N MET A 98 -8.33 -4.16 1.91
CA MET A 98 -7.63 -5.02 2.91
C MET A 98 -6.57 -5.83 2.18
N VAL A 99 -6.23 -5.41 0.97
CA VAL A 99 -5.22 -6.13 0.16
C VAL A 99 -5.57 -7.64 0.12
N ASN A 100 -6.85 -7.96 0.22
CA ASN A 100 -7.30 -9.39 0.21
C ASN A 100 -7.16 -10.02 -1.20
N GLU A 101 -6.93 -9.23 -2.23
CA GLU A 101 -6.81 -9.81 -3.61
C GLU A 101 -5.39 -10.40 -3.84
N ALA A 102 -4.65 -10.68 -2.79
CA ALA A 102 -3.28 -11.26 -2.96
C ALA A 102 -3.37 -12.77 -3.24
N LEU A 103 -2.33 -13.34 -3.78
CA LEU A 103 -2.34 -14.81 -4.09
C LEU A 103 -2.33 -15.62 -2.77
N ALA A 1 -4.09 2.30 22.73
CA ALA A 1 -3.28 3.44 22.20
C ALA A 1 -1.87 2.94 21.87
N THR A 2 -1.53 2.89 20.61
CA THR A 2 -0.17 2.43 20.20
C THR A 2 0.34 3.29 19.03
N SER A 3 1.50 3.91 19.20
CA SER A 3 2.06 4.76 18.11
C SER A 3 3.06 3.95 17.27
N THR A 4 2.75 2.70 17.00
CA THR A 4 3.66 1.84 16.18
C THR A 4 2.84 0.79 15.42
N LYS A 5 1.90 0.14 16.08
CA LYS A 5 1.07 -0.88 15.41
C LYS A 5 -0.41 -0.55 15.66
N LYS A 6 -1.04 0.14 14.74
CA LYS A 6 -2.47 0.51 14.93
C LYS A 6 -3.28 0.15 13.67
N LEU A 7 -2.92 0.68 12.53
CA LEU A 7 -3.67 0.39 11.27
C LEU A 7 -5.13 0.87 11.43
N HIS A 8 -5.31 2.16 11.61
CA HIS A 8 -6.69 2.72 11.80
C HIS A 8 -7.41 2.85 10.44
N LYS A 9 -7.88 4.03 10.07
CA LYS A 9 -8.59 4.19 8.76
C LYS A 9 -8.99 5.66 8.57
N GLU A 10 -8.82 6.17 7.37
CA GLU A 10 -9.18 7.59 7.08
C GLU A 10 -9.35 7.73 5.55
N PRO A 11 -10.52 8.15 5.12
CA PRO A 11 -10.82 8.29 3.69
C PRO A 11 -9.70 9.02 2.95
N ALA A 12 -9.30 8.46 1.84
CA ALA A 12 -8.21 9.04 1.01
C ALA A 12 -8.76 9.35 -0.40
N THR A 13 -7.91 9.39 -1.40
CA THR A 13 -8.39 9.67 -2.79
C THR A 13 -7.53 8.89 -3.78
N LEU A 14 -8.18 8.12 -4.63
CA LEU A 14 -7.43 7.32 -5.64
C LEU A 14 -6.63 8.25 -6.55
N ILE A 15 -5.33 8.22 -6.46
CA ILE A 15 -4.50 9.11 -7.33
C ILE A 15 -3.89 8.29 -8.47
N LYS A 16 -3.00 7.38 -8.17
CA LYS A 16 -2.36 6.54 -9.24
C LYS A 16 -1.76 5.27 -8.63
N ALA A 17 -2.36 4.14 -8.93
CA ALA A 17 -1.83 2.85 -8.39
C ALA A 17 -0.77 2.30 -9.35
N ILE A 18 0.47 2.44 -8.96
CA ILE A 18 1.59 1.96 -9.82
C ILE A 18 1.76 0.44 -9.65
N ASP A 19 2.03 0.00 -8.44
CA ASP A 19 2.21 -1.46 -8.18
C ASP A 19 1.87 -1.75 -6.71
N GLY A 20 2.37 -2.84 -6.17
CA GLY A 20 2.07 -3.18 -4.74
C GLY A 20 2.59 -2.05 -3.83
N ASP A 21 3.85 -2.11 -3.44
CA ASP A 21 4.46 -1.03 -2.57
C ASP A 21 4.17 0.33 -3.19
N THR A 22 4.09 0.39 -4.49
CA THR A 22 3.86 1.69 -5.14
C THR A 22 2.35 2.00 -5.24
N VAL A 23 1.78 2.57 -4.22
CA VAL A 23 0.32 2.94 -4.25
C VAL A 23 0.19 4.37 -3.71
N LYS A 24 -0.24 5.29 -4.53
CA LYS A 24 -0.33 6.71 -4.07
C LYS A 24 -1.77 7.11 -3.74
N LEU A 25 -1.93 7.80 -2.65
CA LEU A 25 -3.28 8.29 -2.23
C LEU A 25 -3.10 9.43 -1.22
N MET A 26 -4.03 10.37 -1.20
CA MET A 26 -3.92 11.52 -0.25
C MET A 26 -4.50 11.14 1.12
N TYR A 27 -3.66 10.83 2.06
CA TYR A 27 -4.13 10.45 3.43
C TYR A 27 -3.88 11.60 4.41
N LYS A 28 -2.86 12.40 4.17
CA LYS A 28 -2.56 13.56 5.07
C LYS A 28 -2.04 14.73 4.22
N GLY A 29 -2.69 15.01 3.11
CA GLY A 29 -2.24 16.12 2.23
C GLY A 29 -0.86 15.79 1.63
N GLN A 30 -0.48 14.53 1.63
CA GLN A 30 0.84 14.14 1.07
C GLN A 30 0.72 12.81 0.30
N PRO A 31 0.44 12.92 -0.99
CA PRO A 31 0.28 11.75 -1.87
C PRO A 31 1.62 10.98 -1.98
N MET A 32 1.62 9.71 -1.67
CA MET A 32 2.88 8.91 -1.75
C MET A 32 2.58 7.41 -1.81
N THR A 33 3.55 6.61 -2.23
CA THR A 33 3.36 5.14 -2.28
C THR A 33 3.04 4.71 -0.86
N PHE A 34 2.24 3.70 -0.69
CA PHE A 34 1.81 3.36 0.68
C PHE A 34 2.11 1.92 1.14
N ARG A 35 3.23 1.34 0.78
CA ARG A 35 3.55 -0.05 1.27
C ARG A 35 5.05 -0.31 1.24
N LEU A 36 5.50 -1.23 2.06
CA LEU A 36 6.95 -1.59 2.13
C LEU A 36 7.13 -3.11 1.99
N LEU A 37 6.19 -3.89 2.49
CA LEU A 37 6.31 -5.39 2.40
C LEU A 37 5.64 -5.92 1.12
N LEU A 38 4.79 -5.15 0.49
CA LEU A 38 4.11 -5.62 -0.77
C LEU A 38 5.14 -5.77 -1.90
N VAL A 39 5.47 -4.70 -2.59
CA VAL A 39 6.49 -4.80 -3.69
C VAL A 39 7.90 -4.74 -3.08
N ASP A 40 8.41 -5.86 -2.65
CA ASP A 40 9.76 -5.90 -2.01
C ASP A 40 10.32 -7.34 -2.08
N THR A 41 10.00 -8.07 -3.13
CA THR A 41 10.50 -9.47 -3.26
C THR A 41 11.94 -9.49 -3.82
N PRO A 42 12.16 -8.85 -4.96
CA PRO A 42 13.49 -8.82 -5.60
C PRO A 42 14.51 -8.10 -4.69
N GLU A 43 15.18 -8.85 -3.84
CA GLU A 43 16.20 -8.23 -2.92
C GLU A 43 17.34 -9.22 -2.66
N THR A 44 17.67 -10.05 -3.62
CA THR A 44 18.77 -11.05 -3.43
C THR A 44 19.51 -11.28 -4.77
N LYS A 45 20.46 -12.18 -4.78
CA LYS A 45 21.22 -12.47 -6.02
C LYS A 45 20.37 -13.40 -6.91
N HIS A 46 19.82 -14.43 -6.32
CA HIS A 46 18.96 -15.38 -7.10
C HIS A 46 17.62 -15.55 -6.36
N PRO A 47 16.70 -14.66 -6.64
CA PRO A 47 15.36 -14.65 -6.01
C PRO A 47 14.52 -15.86 -6.48
N LYS A 48 14.99 -17.06 -6.24
CA LYS A 48 14.24 -18.30 -6.64
C LYS A 48 13.80 -18.21 -8.11
N LYS A 49 14.60 -17.57 -8.96
CA LYS A 49 14.24 -17.45 -10.41
C LYS A 49 12.82 -16.88 -10.56
N GLY A 50 12.59 -15.69 -10.03
CA GLY A 50 11.22 -15.08 -10.14
C GLY A 50 11.11 -13.91 -9.15
N VAL A 51 10.58 -12.79 -9.60
CA VAL A 51 10.42 -11.60 -8.71
C VAL A 51 9.00 -11.02 -8.87
N GLU A 52 8.81 -9.78 -8.49
CA GLU A 52 7.45 -9.15 -8.62
C GLU A 52 7.20 -8.78 -10.09
N LYS A 53 6.15 -9.31 -10.67
CA LYS A 53 5.83 -9.00 -12.09
C LYS A 53 4.65 -8.01 -12.15
N TYR A 54 4.93 -6.73 -11.94
CA TYR A 54 3.87 -5.67 -11.98
C TYR A 54 2.54 -6.21 -11.42
N GLY A 55 2.57 -6.81 -10.24
CA GLY A 55 1.34 -7.37 -9.63
C GLY A 55 1.07 -8.75 -10.22
N PRO A 56 1.77 -9.74 -9.71
CA PRO A 56 1.65 -11.14 -10.18
C PRO A 56 0.20 -11.65 -10.00
N GLU A 57 -0.21 -11.88 -8.76
CA GLU A 57 -1.60 -12.37 -8.51
C GLU A 57 -2.07 -11.86 -7.14
N ALA A 58 -1.50 -12.35 -6.06
CA ALA A 58 -1.90 -11.88 -4.71
C ALA A 58 -1.58 -10.39 -4.58
N SER A 59 -0.41 -9.99 -5.02
CA SER A 59 -0.02 -8.55 -4.97
C SER A 59 -0.85 -7.76 -6.00
N ALA A 60 -1.16 -8.39 -7.12
CA ALA A 60 -1.97 -7.69 -8.17
C ALA A 60 -3.36 -7.35 -7.62
N PHE A 61 -3.96 -8.25 -6.86
CA PHE A 61 -5.32 -7.98 -6.28
C PHE A 61 -5.23 -6.85 -5.24
N THR A 62 -4.10 -6.72 -4.59
CA THR A 62 -3.93 -5.63 -3.58
C THR A 62 -3.60 -4.32 -4.32
N LYS A 63 -2.91 -4.42 -5.43
CA LYS A 63 -2.55 -3.21 -6.21
C LYS A 63 -3.75 -2.75 -7.08
N LYS A 64 -4.70 -3.62 -7.33
CA LYS A 64 -5.87 -3.23 -8.16
C LYS A 64 -6.87 -2.48 -7.28
N MET A 65 -6.95 -2.81 -6.00
CA MET A 65 -7.90 -2.10 -5.09
C MET A 65 -7.55 -0.61 -5.10
N LEU A 66 -6.31 -0.28 -5.37
CA LEU A 66 -5.88 1.13 -5.45
C LEU A 66 -6.26 1.71 -6.83
N GLU A 67 -6.47 0.83 -7.80
CA GLU A 67 -6.83 1.29 -9.17
C GLU A 67 -8.34 1.52 -9.31
N ASN A 68 -9.15 0.87 -8.51
CA ASN A 68 -10.63 1.03 -8.67
C ASN A 68 -11.35 1.49 -7.38
N ALA A 69 -10.66 1.62 -6.27
CA ALA A 69 -11.35 2.07 -5.01
C ALA A 69 -11.53 3.59 -4.99
N LYS A 70 -12.63 4.04 -4.43
CA LYS A 70 -12.91 5.51 -4.35
C LYS A 70 -12.81 5.93 -2.88
N LYS A 71 -13.54 5.27 -2.02
CA LYS A 71 -13.48 5.59 -0.55
C LYS A 71 -12.30 4.81 0.02
N ILE A 72 -11.32 5.48 0.58
CA ILE A 72 -10.12 4.76 1.09
C ILE A 72 -9.93 5.03 2.56
N GLU A 73 -10.26 4.08 3.38
CA GLU A 73 -10.04 4.25 4.84
C GLU A 73 -8.61 3.78 5.11
N VAL A 74 -7.64 4.46 4.52
CA VAL A 74 -6.20 4.05 4.69
C VAL A 74 -5.94 3.62 6.11
N GLU A 75 -5.62 2.36 6.30
CA GLU A 75 -5.34 1.84 7.67
C GLU A 75 -3.83 1.83 7.87
N PHE A 76 -3.31 2.88 8.47
CA PHE A 76 -1.86 2.99 8.71
C PHE A 76 -1.60 3.08 10.21
N ASP A 77 -0.35 3.04 10.59
CA ASP A 77 0.01 3.14 12.03
C ASP A 77 0.08 4.61 12.46
N LYS A 78 -0.60 4.96 13.53
CA LYS A 78 -0.60 6.38 14.00
C LYS A 78 0.79 6.75 14.53
N GLY A 79 1.31 7.88 14.11
CA GLY A 79 2.68 8.31 14.57
C GLY A 79 3.76 7.73 13.65
N GLN A 80 3.45 6.70 12.89
CA GLN A 80 4.46 6.09 11.99
C GLN A 80 4.51 6.93 10.70
N ARG A 81 3.61 6.67 9.76
CA ARG A 81 3.58 7.45 8.47
C ARG A 81 4.80 7.07 7.58
N THR A 82 5.97 6.98 8.17
CA THR A 82 7.21 6.62 7.40
C THR A 82 8.22 6.03 8.38
N ASP A 83 8.84 4.92 8.04
CA ASP A 83 9.84 4.29 8.95
C ASP A 83 10.78 5.38 9.46
N LYS A 84 11.45 6.02 8.55
CA LYS A 84 12.35 7.16 8.89
C LYS A 84 12.03 8.31 7.91
N TYR A 85 10.87 8.23 7.28
CA TYR A 85 10.43 9.23 6.25
C TYR A 85 10.69 8.56 4.91
N GLY A 86 10.48 7.27 4.87
CA GLY A 86 10.73 6.52 3.63
C GLY A 86 9.45 5.96 3.04
N ARG A 87 8.45 5.66 3.84
CA ARG A 87 7.21 5.07 3.25
C ARG A 87 6.11 4.86 4.29
N VAL A 88 4.88 4.97 3.86
CA VAL A 88 3.74 4.73 4.77
C VAL A 88 3.38 3.23 4.73
N LEU A 89 4.18 2.41 5.38
CA LEU A 89 3.90 0.93 5.38
C LEU A 89 2.52 0.69 6.01
N ALA A 90 1.51 0.67 5.19
CA ALA A 90 0.12 0.46 5.69
C ALA A 90 -0.70 -0.25 4.58
N TYR A 91 -2.01 -0.22 4.67
CA TYR A 91 -2.83 -0.89 3.62
C TYR A 91 -4.08 -0.08 3.30
N ILE A 92 -4.62 -0.31 2.12
CA ILE A 92 -5.82 0.44 1.66
C ILE A 92 -6.97 -0.55 1.49
N TYR A 93 -7.99 -0.46 2.31
CA TYR A 93 -9.15 -1.38 2.15
C TYR A 93 -10.28 -0.57 1.53
N ALA A 94 -9.93 0.17 0.51
CA ALA A 94 -10.91 1.01 -0.17
C ALA A 94 -11.72 0.15 -1.12
N ASP A 95 -12.97 -0.04 -0.82
CA ASP A 95 -13.85 -0.90 -1.70
C ASP A 95 -13.22 -2.29 -1.89
N GLY A 96 -12.33 -2.68 -1.01
CA GLY A 96 -11.67 -4.01 -1.14
C GLY A 96 -11.74 -4.75 0.18
N LYS A 97 -11.15 -4.16 1.19
CA LYS A 97 -11.12 -4.84 2.53
C LYS A 97 -10.65 -6.30 2.34
N MET A 98 -9.89 -6.53 1.29
CA MET A 98 -9.37 -7.90 0.99
C MET A 98 -8.07 -8.06 1.76
N VAL A 99 -7.25 -7.04 1.75
CA VAL A 99 -5.99 -7.06 2.53
C VAL A 99 -6.37 -6.94 4.01
N ASN A 100 -7.54 -6.38 4.26
CA ASN A 100 -8.03 -6.24 5.68
C ASN A 100 -7.97 -7.60 6.39
N GLU A 101 -8.27 -8.67 5.68
CA GLU A 101 -8.23 -10.04 6.30
C GLU A 101 -6.88 -10.25 7.01
N ALA A 102 -5.79 -9.92 6.35
CA ALA A 102 -4.45 -10.09 6.97
C ALA A 102 -4.29 -9.06 8.10
N LEU A 103 -4.22 -9.52 9.33
CA LEU A 103 -4.06 -8.60 10.51
C LEU A 103 -5.40 -7.89 10.81
N ALA A 1 -7.12 3.63 28.11
CA ALA A 1 -7.78 4.66 27.25
C ALA A 1 -6.87 5.89 27.14
N THR A 2 -6.21 6.05 26.00
CA THR A 2 -5.30 7.23 25.81
C THR A 2 -5.48 7.79 24.40
N SER A 3 -5.16 9.05 24.20
CA SER A 3 -5.28 9.68 22.85
C SER A 3 -4.11 9.24 21.96
N THR A 4 -4.26 8.14 21.27
CA THR A 4 -3.17 7.64 20.37
C THR A 4 -3.74 6.67 19.34
N LYS A 5 -3.18 6.66 18.15
CA LYS A 5 -3.68 5.74 17.08
C LYS A 5 -3.03 4.35 17.23
N LYS A 6 -3.19 3.50 16.24
CA LYS A 6 -2.61 2.11 16.33
C LYS A 6 -2.82 1.37 15.00
N LEU A 7 -3.95 1.59 14.35
CA LEU A 7 -4.26 0.92 13.06
C LEU A 7 -5.64 1.42 12.58
N HIS A 8 -5.79 2.73 12.53
CA HIS A 8 -7.09 3.33 12.11
C HIS A 8 -7.09 3.60 10.60
N LYS A 9 -8.26 3.72 10.01
CA LYS A 9 -8.36 3.97 8.55
C LYS A 9 -8.86 5.39 8.27
N GLU A 10 -8.69 5.86 7.05
CA GLU A 10 -9.14 7.23 6.67
C GLU A 10 -9.22 7.29 5.14
N PRO A 11 -10.34 7.74 4.62
CA PRO A 11 -10.56 7.82 3.16
C PRO A 11 -9.40 8.52 2.44
N ALA A 12 -9.13 8.06 1.24
CA ALA A 12 -8.01 8.62 0.42
C ALA A 12 -8.53 8.92 -1.00
N THR A 13 -7.68 8.85 -2.00
CA THR A 13 -8.13 9.11 -3.40
C THR A 13 -7.18 8.43 -4.37
N LEU A 14 -7.67 7.56 -5.22
CA LEU A 14 -6.78 6.88 -6.20
C LEU A 14 -6.26 7.91 -7.19
N ILE A 15 -4.97 8.11 -7.24
CA ILE A 15 -4.43 9.15 -8.16
C ILE A 15 -3.61 8.52 -9.32
N LYS A 16 -2.90 7.45 -9.07
CA LYS A 16 -2.05 6.81 -10.14
C LYS A 16 -1.23 5.65 -9.56
N ALA A 17 -1.74 4.44 -9.59
CA ALA A 17 -0.94 3.29 -9.05
C ALA A 17 0.32 3.09 -9.90
N ILE A 18 1.39 2.67 -9.29
CA ILE A 18 2.67 2.48 -10.02
C ILE A 18 2.85 1.01 -10.43
N ASP A 19 3.22 0.14 -9.49
CA ASP A 19 3.42 -1.30 -9.82
C ASP A 19 3.44 -2.13 -8.53
N GLY A 20 2.90 -3.33 -8.60
CA GLY A 20 2.86 -4.21 -7.40
C GLY A 20 1.86 -3.62 -6.40
N ASP A 21 2.35 -3.06 -5.34
CA ASP A 21 1.45 -2.43 -4.32
C ASP A 21 1.93 -1.01 -4.00
N THR A 22 2.85 -0.47 -4.78
CA THR A 22 3.34 0.92 -4.52
C THR A 22 2.28 1.90 -5.05
N VAL A 23 1.65 2.68 -4.20
CA VAL A 23 0.60 3.62 -4.68
C VAL A 23 0.73 4.99 -4.01
N LYS A 24 0.60 6.05 -4.80
CA LYS A 24 0.70 7.45 -4.25
C LYS A 24 -0.63 7.82 -3.55
N LEU A 25 -1.06 6.97 -2.65
CA LEU A 25 -2.35 7.20 -1.95
C LEU A 25 -2.20 8.26 -0.84
N MET A 26 -2.83 9.39 -1.01
CA MET A 26 -2.76 10.46 0.03
C MET A 26 -3.71 10.10 1.18
N TYR A 27 -3.27 10.23 2.41
CA TYR A 27 -4.16 9.88 3.56
C TYR A 27 -5.04 11.07 3.91
N LYS A 28 -4.47 12.12 4.42
CA LYS A 28 -5.27 13.32 4.78
C LYS A 28 -4.35 14.45 5.18
N GLY A 29 -3.33 14.68 4.39
CA GLY A 29 -2.37 15.77 4.70
C GLY A 29 -1.08 15.63 3.89
N GLN A 30 -0.83 14.47 3.32
CA GLN A 30 0.43 14.31 2.52
C GLN A 30 0.29 13.16 1.51
N PRO A 31 0.09 13.52 0.26
CA PRO A 31 -0.03 12.53 -0.84
C PRO A 31 1.31 11.82 -1.01
N MET A 32 1.39 10.57 -0.62
CA MET A 32 2.70 9.84 -0.74
C MET A 32 2.49 8.45 -1.36
N THR A 33 3.55 7.87 -1.89
CA THR A 33 3.46 6.51 -2.51
C THR A 33 3.98 5.47 -1.51
N PHE A 34 3.22 4.41 -1.28
CA PHE A 34 3.69 3.39 -0.31
C PHE A 34 3.07 2.01 -0.59
N ARG A 35 3.40 1.04 0.22
CA ARG A 35 2.85 -0.34 0.02
C ARG A 35 2.42 -0.95 1.36
N LEU A 36 1.74 -2.07 1.31
CA LEU A 36 1.31 -2.76 2.56
C LEU A 36 2.57 -3.12 3.37
N LEU A 37 3.30 -4.08 2.89
CA LEU A 37 4.58 -4.48 3.55
C LEU A 37 5.67 -4.32 2.48
N LEU A 38 5.82 -3.10 1.99
CA LEU A 38 6.79 -2.80 0.88
C LEU A 38 6.68 -3.90 -0.19
N VAL A 39 5.46 -4.21 -0.55
CA VAL A 39 5.15 -5.27 -1.56
C VAL A 39 6.10 -5.22 -2.78
N ASP A 40 6.56 -4.04 -3.18
CA ASP A 40 7.44 -3.95 -4.38
C ASP A 40 8.90 -3.69 -3.96
N THR A 41 9.35 -4.36 -2.93
CA THR A 41 10.75 -4.17 -2.46
C THR A 41 11.54 -5.49 -2.63
N PRO A 42 12.11 -5.67 -3.81
CA PRO A 42 12.91 -6.87 -4.13
C PRO A 42 14.22 -6.86 -3.34
N GLU A 43 14.53 -7.94 -2.65
CA GLU A 43 15.80 -7.99 -1.86
C GLU A 43 16.31 -9.44 -1.80
N THR A 44 17.26 -9.70 -0.95
CA THR A 44 17.81 -11.09 -0.82
C THR A 44 17.02 -11.84 0.26
N LYS A 45 15.88 -12.38 -0.09
CA LYS A 45 15.05 -13.13 0.89
C LYS A 45 14.07 -14.05 0.16
N HIS A 46 13.26 -13.50 -0.72
CA HIS A 46 12.29 -14.33 -1.49
C HIS A 46 12.82 -14.56 -2.91
N PRO A 47 13.04 -15.82 -3.25
CA PRO A 47 13.55 -16.20 -4.58
C PRO A 47 12.56 -15.78 -5.68
N LYS A 48 12.96 -14.86 -6.52
CA LYS A 48 12.04 -14.38 -7.62
C LYS A 48 12.90 -13.89 -8.80
N LYS A 49 12.59 -14.35 -9.98
CA LYS A 49 13.35 -13.93 -11.20
C LYS A 49 12.79 -12.61 -11.73
N GLY A 50 13.61 -11.84 -12.41
CA GLY A 50 13.14 -10.53 -12.97
C GLY A 50 12.43 -10.77 -14.31
N VAL A 51 11.21 -11.24 -14.28
CA VAL A 51 10.45 -11.49 -15.55
C VAL A 51 9.05 -10.88 -15.42
N GLU A 52 8.10 -11.37 -16.18
CA GLU A 52 6.71 -10.82 -16.11
C GLU A 52 5.96 -11.49 -14.94
N LYS A 53 6.15 -10.99 -13.74
CA LYS A 53 5.46 -11.58 -12.55
C LYS A 53 5.37 -10.53 -11.43
N TYR A 54 5.15 -9.29 -11.78
CA TYR A 54 5.05 -8.22 -10.74
C TYR A 54 3.58 -8.07 -10.30
N GLY A 55 2.66 -8.17 -11.24
CA GLY A 55 1.21 -8.05 -10.89
C GLY A 55 0.51 -9.40 -11.14
N PRO A 56 0.20 -10.09 -10.07
CA PRO A 56 -0.47 -11.41 -10.15
C PRO A 56 -1.91 -11.24 -10.65
N GLU A 57 -2.78 -12.21 -10.36
CA GLU A 57 -4.19 -12.13 -10.80
C GLU A 57 -5.09 -12.20 -9.56
N ALA A 58 -5.12 -13.33 -8.91
CA ALA A 58 -5.96 -13.48 -7.69
C ALA A 58 -5.34 -12.65 -6.56
N SER A 59 -4.02 -12.60 -6.51
CA SER A 59 -3.32 -11.80 -5.46
C SER A 59 -3.28 -10.31 -5.89
N ALA A 60 -3.38 -10.03 -7.18
CA ALA A 60 -3.33 -8.60 -7.64
C ALA A 60 -4.66 -7.89 -7.33
N PHE A 61 -5.71 -8.63 -7.05
CA PHE A 61 -7.02 -7.98 -6.73
C PHE A 61 -6.89 -7.10 -5.48
N THR A 62 -5.91 -7.37 -4.64
CA THR A 62 -5.70 -6.57 -3.40
C THR A 62 -4.94 -5.28 -3.75
N LYS A 63 -3.93 -5.37 -4.59
CA LYS A 63 -3.12 -4.17 -4.97
C LYS A 63 -3.98 -3.20 -5.80
N LYS A 64 -4.83 -3.71 -6.66
CA LYS A 64 -5.69 -2.81 -7.49
C LYS A 64 -6.91 -2.36 -6.67
N MET A 65 -7.14 -2.97 -5.53
CA MET A 65 -8.32 -2.58 -4.68
C MET A 65 -8.34 -1.06 -4.46
N LEU A 66 -7.18 -0.45 -4.31
CA LEU A 66 -7.15 1.03 -4.08
C LEU A 66 -6.97 1.77 -5.42
N GLU A 67 -6.70 1.07 -6.49
CA GLU A 67 -6.54 1.75 -7.81
C GLU A 67 -7.93 1.95 -8.44
N ASN A 68 -8.79 0.99 -8.25
CA ASN A 68 -10.17 1.04 -8.85
C ASN A 68 -11.21 1.62 -7.86
N ALA A 69 -11.04 1.36 -6.58
CA ALA A 69 -12.04 1.87 -5.56
C ALA A 69 -11.96 3.40 -5.46
N LYS A 70 -13.02 4.00 -4.97
CA LYS A 70 -13.05 5.50 -4.82
C LYS A 70 -12.81 5.85 -3.35
N LYS A 71 -13.43 5.13 -2.46
CA LYS A 71 -13.22 5.38 -0.99
C LYS A 71 -11.97 4.60 -0.60
N ILE A 72 -11.06 5.19 0.14
CA ILE A 72 -9.81 4.45 0.51
C ILE A 72 -9.53 4.65 1.99
N GLU A 73 -9.91 3.70 2.77
CA GLU A 73 -9.66 3.76 4.23
C GLU A 73 -8.22 3.33 4.51
N VAL A 74 -7.27 4.25 4.37
CA VAL A 74 -5.83 3.90 4.63
C VAL A 74 -5.69 3.44 6.08
N GLU A 75 -5.76 2.15 6.32
CA GLU A 75 -5.61 1.65 7.71
C GLU A 75 -4.13 1.39 7.95
N PHE A 76 -3.39 2.43 8.24
CA PHE A 76 -1.94 2.29 8.46
C PHE A 76 -1.51 2.87 9.83
N ASP A 77 -2.46 3.18 10.70
CA ASP A 77 -2.15 3.76 12.04
C ASP A 77 -1.54 5.17 11.88
N LYS A 78 -1.53 5.95 12.94
CA LYS A 78 -0.98 7.35 12.89
C LYS A 78 0.29 7.44 12.03
N GLY A 79 1.31 6.70 12.39
CA GLY A 79 2.58 6.72 11.61
C GLY A 79 3.03 5.28 11.37
N GLN A 80 3.42 4.97 10.16
CA GLN A 80 3.88 3.59 9.85
C GLN A 80 5.02 3.25 10.78
N ARG A 81 5.96 4.16 10.88
CA ARG A 81 7.17 4.00 11.75
C ARG A 81 8.37 4.53 10.98
N THR A 82 8.67 3.93 9.85
CA THR A 82 9.82 4.39 9.00
C THR A 82 9.74 3.79 7.59
N ASP A 83 10.21 2.55 7.46
CA ASP A 83 10.25 1.80 6.14
C ASP A 83 11.73 1.63 5.73
N LYS A 84 12.02 0.87 4.71
CA LYS A 84 13.45 0.70 4.27
C LYS A 84 13.88 1.98 3.55
N TYR A 85 13.02 2.52 2.74
CA TYR A 85 13.33 3.81 2.04
C TYR A 85 12.90 4.96 2.95
N GLY A 86 11.98 4.70 3.87
CA GLY A 86 11.49 5.75 4.81
C GLY A 86 10.27 6.45 4.19
N ARG A 87 9.37 5.70 3.60
CA ARG A 87 8.16 6.32 2.98
C ARG A 87 6.92 6.06 3.87
N VAL A 88 5.78 5.82 3.28
CA VAL A 88 4.53 5.63 4.08
C VAL A 88 4.07 4.16 4.12
N LEU A 89 4.89 3.25 4.58
CA LEU A 89 4.44 1.81 4.64
C LEU A 89 3.04 1.75 5.27
N ALA A 90 2.02 1.67 4.45
CA ALA A 90 0.63 1.66 4.97
C ALA A 90 -0.24 0.69 4.18
N TYR A 91 -1.39 0.37 4.71
CA TYR A 91 -2.33 -0.57 4.02
C TYR A 91 -3.49 0.22 3.44
N ILE A 92 -3.96 -0.15 2.28
CA ILE A 92 -5.06 0.60 1.61
C ILE A 92 -6.26 -0.32 1.36
N TYR A 93 -7.37 -0.04 2.00
CA TYR A 93 -8.60 -0.87 1.77
C TYR A 93 -9.65 0.02 1.10
N ALA A 94 -9.53 0.19 -0.18
CA ALA A 94 -10.49 1.05 -0.89
C ALA A 94 -11.65 0.19 -1.37
N ASP A 95 -12.82 0.45 -0.85
CA ASP A 95 -14.04 -0.34 -1.24
C ASP A 95 -13.74 -1.85 -1.22
N GLY A 96 -12.84 -2.27 -0.38
CA GLY A 96 -12.48 -3.73 -0.32
C GLY A 96 -12.40 -4.18 1.11
N LYS A 97 -11.64 -3.49 1.91
CA LYS A 97 -11.45 -3.92 3.34
C LYS A 97 -11.02 -5.40 3.34
N MET A 98 -10.47 -5.86 2.23
CA MET A 98 -10.01 -7.27 2.10
C MET A 98 -8.59 -7.33 2.65
N VAL A 99 -7.79 -6.36 2.29
CA VAL A 99 -6.41 -6.28 2.82
C VAL A 99 -6.51 -5.96 4.30
N ASN A 100 -7.65 -5.45 4.74
CA ASN A 100 -7.86 -5.12 6.18
C ASN A 100 -7.64 -6.38 7.04
N GLU A 101 -6.40 -6.74 7.27
CA GLU A 101 -6.07 -7.95 8.10
C GLU A 101 -6.26 -7.64 9.59
N ALA A 102 -6.23 -6.38 9.96
CA ALA A 102 -6.40 -6.01 11.41
C ALA A 102 -7.73 -6.57 11.94
N LEU A 103 -7.70 -7.15 13.12
CA LEU A 103 -8.95 -7.74 13.71
C LEU A 103 -10.03 -6.66 13.94
#